data_9FIT
#
_entry.id   9FIT
#
_cell.length_a   74.764
_cell.length_b   67.688
_cell.length_c   77.513
_cell.angle_alpha   90
_cell.angle_beta   90.543
_cell.angle_gamma   90
#
_symmetry.space_group_name_H-M   'P 1 21 1'
#
loop_
_entity.id
_entity.type
_entity.pdbx_description
1 polymer 'Ubiquitin carboxyl-terminal hydrolase 7'
2 non-polymer 7-methyl-3-[[4-oxidanyl-1-[(3~{R},4~{R})-3-phenyl-1-[(5-pyrimidin-5-ylthiophen-2-yl)methyl]piperidin-4-yl]carbonyl-piperidin-4-yl]methyl]pyrrolo[2,3-d]pyrimidin-4-one
3 water water
#
_entity_poly.entity_id   1
_entity_poly.type   'polypeptide(L)'
_entity_poly.pdbx_seq_one_letter_code
;GSKKHTGYVGLKNQGATCYMNSLLQTLFFTNQLRKAVYMMPTEGDDSSKSVPLALQRVFYELQHSDKPVGTKKLTKSFGW
ETLDSFMQHDVQELCRVLLDNVENKMKGTCVEGTIPKLFRGKMVSYIQCKEVDYRSDRREDYYDIQLSIKGKKNIFESFV
DYVAVEQLDGDNKYDAGEHGLQEAEKGVKFLTLPPVLHLQLMRAMYDPQTDQNIKINDRFEFPEQLPLDEFLQKTDPKDP
ANYILHAVLVHSGDNHGGHYVVYLNPKGDGKWCKFDDDVVSRCTKEEAIEHNYGGHDDDLSVRHCTNAYMLVYIRESKLS
EVLQAVTDHDIPQQLVERLQEEKRIEAQKRKERQE
;
_entity_poly.pdbx_strand_id   A,B
#
# COMPACT_ATOMS: atom_id res chain seq x y z
N THR A 6 -1.18 4.57 -26.37
CA THR A 6 -0.55 4.62 -25.02
C THR A 6 -1.67 4.67 -23.97
N GLY A 7 -2.61 5.62 -24.17
CA GLY A 7 -3.68 5.97 -23.24
C GLY A 7 -3.30 7.12 -22.28
N TYR A 8 -1.99 7.32 -22.10
CA TYR A 8 -1.46 8.36 -21.24
C TYR A 8 -1.54 9.72 -21.94
N VAL A 9 -1.71 10.78 -21.12
CA VAL A 9 -1.85 12.12 -21.64
C VAL A 9 -0.67 12.98 -21.18
N GLY A 10 -0.32 13.94 -22.05
CA GLY A 10 0.78 14.84 -21.78
C GLY A 10 0.39 16.05 -20.94
N LEU A 11 1.40 16.92 -20.81
CA LEU A 11 1.35 18.17 -20.08
C LEU A 11 1.59 19.27 -21.09
N LYS A 12 1.04 20.44 -20.82
CA LYS A 12 1.20 21.53 -21.76
C LYS A 12 2.57 22.18 -21.60
N ASN A 13 3.12 22.65 -22.72
CA ASN A 13 4.20 23.60 -22.72
C ASN A 13 3.59 24.99 -22.57
N GLN A 14 3.77 25.65 -21.42
CA GLN A 14 3.18 26.97 -21.29
C GLN A 14 4.20 28.09 -21.26
N GLY A 15 5.46 27.78 -20.99
CA GLY A 15 6.44 28.87 -20.94
C GLY A 15 7.87 28.42 -21.09
N ALA A 16 8.63 28.45 -19.99
CA ALA A 16 9.87 27.72 -19.96
C ALA A 16 9.99 26.97 -18.63
N THR A 17 9.08 26.02 -18.40
CA THR A 17 9.14 25.14 -17.23
C THR A 17 10.30 24.15 -17.36
N CYS A 18 10.95 24.11 -18.54
CA CYS A 18 12.02 23.16 -18.83
C CYS A 18 11.63 21.77 -18.31
N TYR A 19 12.40 21.29 -17.34
CA TYR A 19 12.29 19.93 -16.81
C TYR A 19 11.00 19.67 -16.05
N MET A 20 10.25 20.69 -15.66
CA MET A 20 9.17 20.47 -14.70
C MET A 20 8.26 19.35 -15.20
N ASN A 21 7.75 19.52 -16.43
CA ASN A 21 6.89 18.53 -17.04
C ASN A 21 7.44 17.09 -16.96
N SER A 22 8.74 16.92 -17.20
CA SER A 22 9.41 15.64 -17.13
C SER A 22 9.26 15.11 -15.70
N LEU A 23 9.53 16.00 -14.73
CA LEU A 23 9.51 15.63 -13.33
C LEU A 23 8.09 15.28 -12.94
N LEU A 24 7.16 15.98 -13.57
CA LEU A 24 5.78 15.82 -13.16
C LEU A 24 5.26 14.44 -13.51
N GLN A 25 5.77 13.92 -14.62
CA GLN A 25 5.29 12.66 -15.15
C GLN A 25 5.93 11.58 -14.30
N THR A 26 7.24 11.64 -14.23
CA THR A 26 8.01 10.81 -13.34
C THR A 26 7.21 10.60 -12.06
N LEU A 27 6.66 11.66 -11.49
CA LEU A 27 6.13 11.60 -10.13
C LEU A 27 4.73 11.01 -10.18
N PHE A 28 3.96 11.52 -11.17
CA PHE A 28 2.61 11.10 -11.43
C PHE A 28 2.53 9.60 -11.66
N PHE A 29 3.63 9.00 -12.12
CA PHE A 29 3.68 7.56 -12.31
C PHE A 29 4.40 6.89 -11.16
N THR A 30 4.48 7.56 -10.02
CA THR A 30 5.04 6.98 -8.82
C THR A 30 3.81 6.63 -8.05
N ASN A 31 3.16 5.55 -8.46
CA ASN A 31 1.76 5.38 -8.19
C ASN A 31 1.43 5.53 -6.70
N GLN A 32 2.28 4.97 -5.84
CA GLN A 32 1.97 4.93 -4.43
C GLN A 32 1.94 6.36 -3.89
N LEU A 33 2.70 7.24 -4.53
CA LEU A 33 2.71 8.67 -4.19
C LEU A 33 1.48 9.39 -4.75
N ARG A 34 0.89 8.87 -5.82
CA ARG A 34 -0.24 9.54 -6.42
C ARG A 34 -1.42 9.35 -5.50
N LYS A 35 -1.74 8.10 -5.18
CA LYS A 35 -2.77 7.79 -4.21
C LYS A 35 -2.56 8.68 -2.98
N ALA A 36 -1.30 8.75 -2.52
CA ALA A 36 -1.01 9.49 -1.32
C ALA A 36 -1.37 10.96 -1.50
N VAL A 37 -0.93 11.56 -2.62
CA VAL A 37 -1.23 12.96 -2.88
C VAL A 37 -2.73 13.13 -2.81
N TYR A 38 -3.47 12.42 -3.68
CA TYR A 38 -4.92 12.50 -3.71
C TYR A 38 -5.58 12.55 -2.33
N MET A 39 -5.17 11.66 -1.40
CA MET A 39 -5.66 11.68 -0.04
C MET A 39 -5.45 13.00 0.71
N MET A 40 -4.46 13.82 0.34
CA MET A 40 -4.13 15.04 1.09
C MET A 40 -5.33 16.00 1.24
N PRO A 41 -5.73 16.43 2.48
CA PRO A 41 -6.92 17.26 2.69
C PRO A 41 -6.95 18.73 2.26
N THR A 42 -7.25 18.96 0.98
CA THR A 42 -7.29 20.32 0.46
C THR A 42 -8.70 20.91 0.55
N GLU A 43 -9.51 20.34 1.44
CA GLU A 43 -10.92 20.65 1.59
C GLU A 43 -11.07 22.15 1.81
N GLY A 44 -10.27 22.73 2.72
CA GLY A 44 -10.34 24.15 2.99
C GLY A 44 -9.09 24.93 2.57
N ASP A 45 -8.44 24.54 1.46
CA ASP A 45 -7.18 25.16 1.08
C ASP A 45 -7.39 26.31 0.09
N ASP A 46 -6.41 27.22 0.02
CA ASP A 46 -6.46 28.28 -0.98
C ASP A 46 -6.36 27.66 -2.36
N SER A 47 -7.48 27.74 -3.10
CA SER A 47 -7.57 27.21 -4.45
C SER A 47 -6.41 27.68 -5.33
N SER A 48 -5.74 28.79 -4.97
CA SER A 48 -4.79 29.42 -5.88
C SER A 48 -3.34 29.24 -5.45
N LYS A 49 -3.07 29.36 -4.14
CA LYS A 49 -1.68 29.43 -3.69
C LYS A 49 -1.26 28.19 -2.89
N SER A 50 -2.14 27.22 -2.68
CA SER A 50 -1.74 25.98 -2.04
C SER A 50 -1.17 25.04 -3.08
N VAL A 51 0.12 24.73 -2.95
CA VAL A 51 0.80 23.76 -3.79
C VAL A 51 0.08 22.42 -3.65
N PRO A 52 -0.02 21.81 -2.46
CA PRO A 52 -0.61 20.49 -2.34
C PRO A 52 -1.89 20.32 -3.13
N LEU A 53 -2.68 21.40 -3.24
CA LEU A 53 -3.89 21.37 -4.03
C LEU A 53 -3.56 21.17 -5.50
N ALA A 54 -2.70 22.03 -6.06
CA ALA A 54 -2.37 21.98 -7.49
C ALA A 54 -1.76 20.63 -7.92
N LEU A 55 -0.99 20.00 -7.05
CA LEU A 55 -0.45 18.70 -7.36
C LEU A 55 -1.60 17.67 -7.41
N GLN A 56 -2.67 17.90 -6.67
CA GLN A 56 -3.86 17.08 -6.86
C GLN A 56 -4.47 17.40 -8.22
N ARG A 57 -4.60 18.68 -8.56
CA ARG A 57 -5.25 19.07 -9.80
C ARG A 57 -4.52 18.45 -11.00
N VAL A 58 -3.21 18.64 -11.04
CA VAL A 58 -2.44 18.19 -12.20
C VAL A 58 -2.54 16.68 -12.35
N PHE A 59 -2.51 15.95 -11.25
CA PHE A 59 -2.57 14.50 -11.26
C PHE A 59 -3.97 14.07 -11.66
N TYR A 60 -4.96 14.76 -11.08
CA TYR A 60 -6.33 14.50 -11.48
C TYR A 60 -6.44 14.58 -12.99
N GLU A 61 -6.01 15.71 -13.56
CA GLU A 61 -6.16 15.97 -14.98
C GLU A 61 -5.28 15.02 -15.78
N LEU A 62 -4.24 14.48 -15.16
CA LEU A 62 -3.36 13.59 -15.90
C LEU A 62 -4.00 12.24 -16.08
N GLN A 63 -4.89 11.92 -15.14
CA GLN A 63 -5.54 10.65 -15.04
C GLN A 63 -6.86 10.70 -15.81
N HIS A 64 -7.42 11.91 -15.98
CA HIS A 64 -8.72 12.07 -16.60
C HIS A 64 -8.76 12.90 -17.89
N SER A 65 -7.83 13.81 -18.15
CA SER A 65 -7.97 14.72 -19.29
C SER A 65 -7.83 13.97 -20.63
N ASP A 66 -8.84 14.18 -21.52
CA ASP A 66 -8.74 13.89 -22.94
C ASP A 66 -8.01 15.01 -23.69
N LYS A 67 -7.51 16.02 -22.99
CA LYS A 67 -6.65 17.00 -23.60
C LYS A 67 -5.37 17.14 -22.79
N PRO A 68 -4.32 17.78 -23.33
CA PRO A 68 -3.07 17.97 -22.60
C PRO A 68 -3.22 18.86 -21.37
N VAL A 69 -2.61 18.46 -20.24
CA VAL A 69 -2.83 19.10 -18.96
C VAL A 69 -1.95 20.34 -18.80
N GLY A 70 -2.55 21.47 -18.41
CA GLY A 70 -1.84 22.71 -18.14
C GLY A 70 -1.29 22.79 -16.72
N THR A 71 -0.22 23.60 -16.53
CA THR A 71 0.52 23.68 -15.26
C THR A 71 0.62 25.08 -14.68
N LYS A 72 0.00 26.11 -15.30
CA LYS A 72 0.16 27.49 -14.85
C LYS A 72 -0.11 27.63 -13.34
N LYS A 73 -1.21 27.02 -12.88
CA LYS A 73 -1.65 27.14 -11.51
C LYS A 73 -0.64 26.58 -10.50
N LEU A 74 0.20 25.63 -10.95
CA LEU A 74 1.17 24.98 -10.07
C LEU A 74 2.41 25.86 -9.96
N THR A 75 2.89 26.29 -11.13
CA THR A 75 3.98 27.24 -11.24
C THR A 75 3.67 28.48 -10.41
N LYS A 76 2.38 28.82 -10.29
CA LYS A 76 1.99 29.94 -9.44
C LYS A 76 2.04 29.48 -7.98
N SER A 77 1.46 28.32 -7.70
CA SER A 77 1.33 27.87 -6.32
C SER A 77 2.68 27.91 -5.58
N PHE A 78 3.81 27.66 -6.26
CA PHE A 78 5.14 27.70 -5.63
C PHE A 78 6.05 28.79 -6.20
N GLY A 79 5.61 29.53 -7.23
CA GLY A 79 6.06 30.90 -7.44
C GLY A 79 7.47 30.98 -8.03
N TRP A 80 7.75 30.16 -9.04
CA TRP A 80 8.92 30.33 -9.89
C TRP A 80 8.51 31.06 -11.14
N GLU A 81 8.32 32.37 -11.01
CA GLU A 81 7.79 33.17 -12.10
C GLU A 81 8.74 34.35 -12.36
N THR A 82 10.02 34.07 -12.70
CA THR A 82 10.95 35.08 -13.20
C THR A 82 11.42 34.65 -14.59
N LEU A 83 12.32 35.42 -15.22
CA LEU A 83 12.82 35.13 -16.57
C LEU A 83 13.83 33.97 -16.59
N ASP A 84 14.31 33.54 -15.41
CA ASP A 84 15.32 32.49 -15.33
C ASP A 84 15.08 31.53 -14.16
N SER A 85 13.87 31.52 -13.59
CA SER A 85 13.66 30.88 -12.29
C SER A 85 13.62 29.34 -12.40
N PHE A 86 13.51 28.82 -13.63
CA PHE A 86 13.58 27.39 -13.85
C PHE A 86 15.00 26.99 -14.20
N MET A 87 15.68 27.80 -15.02
CA MET A 87 17.02 27.48 -15.43
C MET A 87 18.06 27.92 -14.39
N GLN A 88 17.65 28.47 -13.25
CA GLN A 88 18.64 28.86 -12.25
C GLN A 88 18.74 27.82 -11.14
N HIS A 89 17.92 26.76 -11.23
CA HIS A 89 17.79 25.75 -10.19
C HIS A 89 18.10 24.36 -10.73
N ASP A 90 18.58 23.46 -9.86
CA ASP A 90 18.81 22.06 -10.21
C ASP A 90 17.44 21.39 -10.16
N VAL A 91 17.34 20.12 -10.60
CA VAL A 91 16.04 19.47 -10.71
C VAL A 91 15.58 18.90 -9.36
N GLN A 92 16.50 18.43 -8.50
CA GLN A 92 16.14 17.84 -7.23
C GLN A 92 15.63 18.95 -6.31
N GLU A 93 16.10 20.15 -6.53
CA GLU A 93 15.59 21.32 -5.84
C GLU A 93 14.09 21.47 -6.02
N LEU A 94 13.60 21.41 -7.24
CA LEU A 94 12.16 21.45 -7.53
C LEU A 94 11.43 20.26 -6.92
N CYS A 95 12.06 19.10 -6.98
CA CYS A 95 11.45 17.89 -6.45
C CYS A 95 11.20 18.17 -4.99
N ARG A 96 12.27 18.52 -4.28
CA ARG A 96 12.21 18.87 -2.85
C ARG A 96 11.12 19.88 -2.56
N VAL A 97 10.94 20.89 -3.43
CA VAL A 97 9.92 21.88 -3.18
C VAL A 97 8.58 21.18 -3.06
N LEU A 98 8.20 20.51 -4.15
CA LEU A 98 6.97 19.72 -4.21
C LEU A 98 6.93 18.74 -3.04
N LEU A 99 7.87 17.81 -3.01
CA LEU A 99 7.81 16.73 -2.04
C LEU A 99 7.78 17.28 -0.62
N ASP A 100 8.27 18.51 -0.39
CA ASP A 100 8.07 19.11 0.92
C ASP A 100 6.59 19.42 1.20
N ASN A 101 6.09 20.47 0.50
CA ASN A 101 4.69 20.88 0.58
C ASN A 101 3.74 19.69 0.79
N VAL A 102 4.02 18.55 0.17
CA VAL A 102 3.17 17.39 0.28
C VAL A 102 3.38 16.70 1.63
N GLU A 103 4.62 16.26 1.88
CA GLU A 103 4.99 15.51 3.08
C GLU A 103 4.46 16.17 4.35
N ASN A 104 4.35 17.51 4.31
CA ASN A 104 3.80 18.27 5.44
C ASN A 104 2.31 17.96 5.54
N LYS A 105 1.60 18.44 4.51
CA LYS A 105 0.15 18.31 4.42
C LYS A 105 -0.36 16.92 4.85
N MET A 106 0.49 15.89 4.71
CA MET A 106 0.17 14.53 5.10
C MET A 106 0.42 14.27 6.59
N LYS A 107 0.87 15.29 7.34
CA LYS A 107 1.19 15.05 8.74
C LYS A 107 -0.10 15.07 9.54
N GLY A 108 -0.17 14.10 10.47
CA GLY A 108 -1.37 13.84 11.24
C GLY A 108 -2.45 13.13 10.43
N THR A 109 -2.10 12.56 9.27
CA THR A 109 -3.01 11.82 8.43
C THR A 109 -2.65 10.33 8.42
N CYS A 110 -3.54 9.54 7.79
CA CYS A 110 -3.33 8.11 7.53
C CYS A 110 -2.13 7.92 6.60
N VAL A 111 -1.82 8.98 5.85
CA VAL A 111 -0.87 8.90 4.77
C VAL A 111 0.42 9.63 5.12
N GLU A 112 0.49 10.16 6.36
CA GLU A 112 1.74 10.61 6.96
C GLU A 112 2.81 9.55 6.78
N GLY A 113 4.03 10.05 6.55
CA GLY A 113 5.25 9.26 6.44
C GLY A 113 5.45 8.62 5.05
N THR A 114 4.73 9.09 4.05
CA THR A 114 4.75 8.43 2.75
C THR A 114 5.95 8.92 1.91
N ILE A 115 6.19 10.24 1.91
CA ILE A 115 7.26 10.72 1.06
C ILE A 115 8.58 10.06 1.46
N PRO A 116 8.99 10.14 2.74
CA PRO A 116 10.20 9.42 3.14
C PRO A 116 10.13 7.92 2.89
N LYS A 117 9.01 7.28 3.22
CA LYS A 117 8.85 5.85 3.02
C LYS A 117 9.25 5.45 1.60
N LEU A 118 9.09 6.36 0.64
CA LEU A 118 9.38 6.13 -0.77
C LEU A 118 10.78 6.59 -1.14
N PHE A 119 11.09 7.84 -0.84
CA PHE A 119 12.25 8.53 -1.40
C PHE A 119 13.41 8.72 -0.44
N ARG A 120 13.24 8.44 0.85
CA ARG A 120 14.31 8.66 1.81
C ARG A 120 15.13 7.40 2.03
N GLY A 121 16.45 7.54 1.98
CA GLY A 121 17.37 6.53 2.47
C GLY A 121 18.43 7.18 3.35
N LYS A 122 19.32 6.38 3.96
CA LYS A 122 20.26 6.91 4.94
C LYS A 122 21.70 6.49 4.68
N MET A 123 22.61 7.26 5.28
CA MET A 123 24.00 7.38 4.87
C MET A 123 24.85 7.70 6.10
N VAL A 124 26.18 7.51 5.97
CA VAL A 124 27.14 7.94 6.99
C VAL A 124 28.36 8.59 6.34
N SER A 125 28.66 9.84 6.70
CA SER A 125 29.90 10.47 6.32
C SER A 125 30.85 10.39 7.50
N TYR A 126 32.08 9.94 7.25
CA TYR A 126 32.99 9.65 8.33
C TYR A 126 34.34 10.25 8.02
N ILE A 127 35.11 10.47 9.08
CA ILE A 127 36.49 10.91 8.97
C ILE A 127 37.29 10.12 10.00
N GLN A 128 38.29 9.37 9.53
CA GLN A 128 39.08 8.54 10.42
C GLN A 128 40.56 8.89 10.27
N CYS A 129 41.17 9.23 11.42
CA CYS A 129 42.57 9.59 11.54
C CYS A 129 43.37 8.33 11.26
N LYS A 130 44.52 8.50 10.61
CA LYS A 130 45.37 7.36 10.26
C LYS A 130 46.15 6.94 11.50
N GLU A 131 47.11 7.77 11.90
CA GLU A 131 48.02 7.47 12.99
C GLU A 131 47.32 7.46 14.36
N VAL A 132 46.54 8.51 14.67
CA VAL A 132 45.95 8.67 16.01
C VAL A 132 44.57 8.01 16.08
N ASP A 133 44.07 7.83 17.31
CA ASP A 133 42.70 7.38 17.54
C ASP A 133 41.74 8.58 17.61
N TYR A 134 41.05 8.90 16.50
CA TYR A 134 39.88 9.77 16.53
C TYR A 134 39.01 9.63 15.27
N ARG A 135 37.71 9.36 15.49
CA ARG A 135 36.76 9.18 14.40
C ARG A 135 35.58 10.14 14.48
N SER A 136 35.10 10.58 13.31
CA SER A 136 33.94 11.46 13.19
C SER A 136 32.88 10.85 12.25
N ASP A 137 31.84 10.23 12.82
CA ASP A 137 30.82 9.55 12.06
C ASP A 137 29.48 10.23 12.25
N ARG A 138 28.91 10.73 11.16
CA ARG A 138 27.67 11.48 11.16
C ARG A 138 26.72 10.89 10.11
N ARG A 139 25.50 10.55 10.53
CA ARG A 139 24.53 9.94 9.63
C ARG A 139 23.70 11.07 9.04
N GLU A 140 23.22 10.91 7.81
CA GLU A 140 22.37 11.93 7.22
C GLU A 140 21.31 11.17 6.47
N ASP A 141 20.19 11.83 6.22
CA ASP A 141 19.18 11.22 5.37
C ASP A 141 19.37 11.84 3.98
N TYR A 142 19.20 11.04 2.94
CA TYR A 142 19.16 11.58 1.60
C TYR A 142 17.80 11.26 1.01
N TYR A 143 17.39 12.09 0.02
CA TYR A 143 16.21 11.79 -0.76
C TYR A 143 16.56 11.66 -2.23
N ASP A 144 17.85 11.86 -2.57
CA ASP A 144 18.27 11.84 -3.96
C ASP A 144 19.80 11.90 -4.09
N ILE A 145 20.39 11.41 -5.20
CA ILE A 145 21.84 11.27 -5.23
C ILE A 145 22.45 11.83 -6.50
N GLN A 146 23.49 12.63 -6.36
CA GLN A 146 24.09 13.32 -7.50
C GLN A 146 25.43 12.68 -7.86
N LEU A 147 25.49 12.00 -9.00
CA LEU A 147 26.69 11.27 -9.36
C LEU A 147 27.56 12.13 -10.25
N SER A 148 28.88 11.98 -10.07
CA SER A 148 29.89 12.61 -10.90
C SER A 148 30.10 11.76 -12.15
N ILE A 149 29.90 12.30 -13.33
CA ILE A 149 30.01 11.52 -14.56
C ILE A 149 31.37 11.72 -15.20
N LYS A 150 31.95 12.92 -15.08
CA LYS A 150 33.18 13.16 -15.81
C LYS A 150 34.17 12.08 -15.38
N GLY A 151 34.82 11.47 -16.37
CA GLY A 151 35.81 10.43 -16.11
C GLY A 151 35.14 9.10 -15.78
N LYS A 152 33.79 9.08 -15.77
CA LYS A 152 33.05 7.88 -15.42
C LYS A 152 32.31 7.45 -16.69
N LYS A 153 32.40 6.15 -16.98
CA LYS A 153 31.83 5.64 -18.22
C LYS A 153 30.42 5.15 -17.92
N ASN A 154 30.19 4.70 -16.68
CA ASN A 154 28.90 4.13 -16.34
C ASN A 154 28.51 4.47 -14.90
N ILE A 155 27.30 4.05 -14.54
CA ILE A 155 26.73 4.22 -13.21
C ILE A 155 27.58 3.53 -12.15
N PHE A 156 28.14 2.34 -12.44
CA PHE A 156 28.97 1.64 -11.49
C PHE A 156 30.10 2.57 -11.01
N GLU A 157 30.89 3.06 -11.96
CA GLU A 157 32.09 3.85 -11.65
C GLU A 157 31.73 5.05 -10.77
N SER A 158 30.52 5.60 -10.97
CA SER A 158 29.96 6.66 -10.17
C SER A 158 29.82 6.25 -8.71
N PHE A 159 29.07 5.18 -8.47
CA PHE A 159 28.81 4.77 -7.11
C PHE A 159 30.10 4.36 -6.41
N VAL A 160 31.11 3.95 -7.19
CA VAL A 160 32.42 3.65 -6.63
C VAL A 160 33.21 4.93 -6.40
N ASP A 161 33.02 5.92 -7.28
CA ASP A 161 33.62 7.21 -7.03
C ASP A 161 33.02 7.82 -5.78
N TYR A 162 31.69 7.71 -5.68
CA TYR A 162 30.93 8.26 -4.56
C TYR A 162 31.40 7.71 -3.21
N VAL A 163 31.68 6.42 -3.13
CA VAL A 163 32.13 5.85 -1.87
C VAL A 163 33.66 5.88 -1.75
N ALA A 164 34.36 6.63 -2.62
CA ALA A 164 35.81 6.68 -2.59
C ALA A 164 36.32 7.36 -1.32
N VAL A 165 37.10 6.59 -0.56
CA VAL A 165 37.75 7.07 0.64
C VAL A 165 38.86 8.04 0.26
N GLU A 166 38.53 9.32 0.28
CA GLU A 166 39.44 10.42 -0.06
C GLU A 166 40.50 10.62 1.02
N GLN A 167 41.68 11.11 0.62
CA GLN A 167 42.80 11.34 1.53
C GLN A 167 42.99 12.83 1.81
N LEU A 168 43.38 13.15 3.06
CA LEU A 168 43.57 14.52 3.54
C LEU A 168 44.99 14.73 4.10
N ASP A 169 45.92 15.24 3.28
CA ASP A 169 47.30 15.33 3.72
C ASP A 169 47.90 16.65 3.31
N GLY A 170 49.13 16.92 3.80
CA GLY A 170 49.86 18.12 3.44
C GLY A 170 49.06 19.40 3.69
N ASP A 171 48.76 20.13 2.60
CA ASP A 171 48.15 21.45 2.67
C ASP A 171 46.71 21.37 3.14
N ASN A 172 46.08 20.19 3.08
CA ASN A 172 44.71 20.02 3.56
C ASN A 172 44.60 18.84 4.53
N LYS A 173 45.42 18.83 5.58
CA LYS A 173 45.29 17.86 6.65
C LYS A 173 44.05 18.19 7.47
N TYR A 174 43.60 17.31 8.37
CA TYR A 174 42.33 17.48 9.07
C TYR A 174 42.54 18.14 10.43
N ASP A 175 41.77 19.19 10.73
CA ASP A 175 41.83 19.80 12.04
C ASP A 175 41.12 18.89 13.01
N ALA A 176 41.90 18.00 13.64
CA ALA A 176 41.36 17.06 14.62
C ALA A 176 41.20 17.69 16.00
N GLY A 177 41.45 19.01 16.13
CA GLY A 177 41.13 19.72 17.37
C GLY A 177 42.17 19.46 18.46
N GLU A 178 41.85 18.62 19.44
CA GLU A 178 42.76 18.32 20.55
C GLU A 178 44.01 17.63 20.01
N HIS A 179 43.91 16.90 18.90
CA HIS A 179 45.05 16.21 18.30
C HIS A 179 45.75 17.07 17.25
N GLY A 180 45.29 18.29 17.04
CA GLY A 180 45.92 19.15 16.06
C GLY A 180 45.66 18.67 14.64
N LEU A 181 46.36 19.28 13.68
CA LEU A 181 46.19 18.95 12.28
C LEU A 181 46.69 17.53 12.05
N GLN A 182 45.91 16.76 11.28
CA GLN A 182 46.20 15.34 11.18
C GLN A 182 45.94 14.85 9.76
N GLU A 183 46.62 13.75 9.42
CA GLU A 183 46.38 13.03 8.19
C GLU A 183 45.25 12.03 8.50
N ALA A 184 44.21 12.07 7.68
CA ALA A 184 43.05 11.21 7.86
C ALA A 184 42.33 11.06 6.53
N GLU A 185 41.35 10.14 6.49
CA GLU A 185 40.66 9.82 5.24
C GLU A 185 39.16 9.97 5.45
N LYS A 186 38.51 10.75 4.57
CA LYS A 186 37.09 10.99 4.68
C LYS A 186 36.37 10.34 3.51
N GLY A 187 35.31 9.61 3.83
CA GLY A 187 34.49 8.99 2.81
C GLY A 187 33.01 9.06 3.17
N VAL A 188 32.23 8.23 2.49
CA VAL A 188 30.81 8.10 2.72
C VAL A 188 30.46 6.61 2.66
N LYS A 189 29.34 6.24 3.27
CA LYS A 189 28.84 4.89 3.07
C LYS A 189 27.34 4.73 3.30
N PHE A 190 26.71 4.10 2.30
CA PHE A 190 25.28 3.87 2.28
C PHE A 190 24.95 2.85 3.35
N LEU A 191 23.91 3.13 4.14
CA LEU A 191 23.33 2.10 4.98
C LEU A 191 22.11 1.52 4.28
N THR A 192 21.30 2.39 3.68
CA THR A 192 20.09 1.92 3.02
C THR A 192 19.96 2.70 1.74
N LEU A 193 19.02 2.22 0.90
CA LEU A 193 18.64 2.90 -0.32
C LEU A 193 17.13 2.86 -0.36
N PRO A 194 16.49 3.93 -0.85
CA PRO A 194 15.05 4.06 -0.75
C PRO A 194 14.44 3.16 -1.82
N PRO A 195 13.17 2.74 -1.61
CA PRO A 195 12.35 2.17 -2.68
C PRO A 195 12.51 2.99 -3.97
N VAL A 196 12.33 4.30 -3.89
CA VAL A 196 12.54 5.11 -5.07
C VAL A 196 13.87 5.83 -4.95
N LEU A 197 14.72 5.54 -5.95
CA LEU A 197 16.10 6.00 -6.01
C LEU A 197 16.19 7.02 -7.12
N HIS A 198 16.41 8.26 -6.72
CA HIS A 198 16.42 9.38 -7.64
C HIS A 198 17.87 9.81 -7.80
N LEU A 199 18.37 9.81 -9.03
CA LEU A 199 19.76 10.07 -9.33
C LEU A 199 19.89 11.19 -10.34
N GLN A 200 20.82 12.11 -10.08
CA GLN A 200 21.05 13.18 -11.03
C GLN A 200 22.49 13.07 -11.51
N LEU A 201 22.71 13.29 -12.79
CA LEU A 201 24.05 13.09 -13.28
C LEU A 201 24.61 14.48 -13.41
N MET A 202 25.81 14.71 -12.92
CA MET A 202 26.28 16.06 -12.73
C MET A 202 26.81 16.60 -14.06
N ARG A 203 25.90 16.89 -15.00
CA ARG A 203 26.28 17.32 -16.34
C ARG A 203 26.55 18.83 -16.42
N ALA A 204 26.00 19.60 -15.46
CA ALA A 204 26.23 21.03 -15.42
C ALA A 204 27.62 21.27 -14.83
N MET A 205 28.40 22.20 -15.42
CA MET A 205 29.73 22.50 -14.90
C MET A 205 30.25 23.87 -15.36
N ILE A 214 27.85 25.20 -18.27
CA ILE A 214 28.29 24.54 -19.53
C ILE A 214 28.11 23.02 -19.44
N LYS A 215 27.24 22.47 -20.31
CA LYS A 215 26.83 21.09 -20.22
C LYS A 215 27.89 20.14 -20.77
N ILE A 216 28.24 19.13 -19.98
CA ILE A 216 29.03 18.02 -20.47
C ILE A 216 28.10 17.10 -21.27
N ASN A 217 28.49 16.70 -22.49
CA ASN A 217 27.75 15.72 -23.27
C ASN A 217 28.45 14.36 -23.36
N ASP A 218 29.25 14.01 -22.37
CA ASP A 218 30.09 12.82 -22.47
C ASP A 218 29.21 11.58 -22.36
N ARG A 219 29.58 10.52 -23.07
CA ARG A 219 28.92 9.24 -22.97
C ARG A 219 28.94 8.78 -21.51
N PHE A 220 27.76 8.44 -21.00
CA PHE A 220 27.65 7.88 -19.67
C PHE A 220 26.59 6.78 -19.67
N GLU A 221 27.06 5.55 -19.56
CA GLU A 221 26.24 4.37 -19.72
C GLU A 221 25.44 4.16 -18.44
N PHE A 222 24.27 3.50 -18.56
CA PHE A 222 23.44 3.17 -17.40
C PHE A 222 22.57 1.97 -17.69
N PRO A 223 22.38 1.09 -16.70
CA PRO A 223 21.67 -0.13 -16.95
C PRO A 223 20.18 -0.02 -16.77
N GLU A 224 19.53 -1.06 -17.26
CA GLU A 224 18.14 -1.33 -17.03
C GLU A 224 18.03 -1.97 -15.64
N GLN A 225 18.97 -2.89 -15.34
CA GLN A 225 19.01 -3.56 -14.05
C GLN A 225 20.28 -3.12 -13.33
N LEU A 226 20.09 -2.62 -12.11
CA LEU A 226 21.17 -1.98 -11.36
C LEU A 226 21.26 -2.65 -9.99
N PRO A 227 22.21 -3.58 -9.82
CA PRO A 227 22.47 -4.19 -8.50
C PRO A 227 23.26 -3.22 -7.64
N LEU A 228 22.84 -3.02 -6.39
CA LEU A 228 23.53 -2.06 -5.52
C LEU A 228 23.98 -2.68 -4.19
N ASP A 229 23.67 -3.96 -3.93
CA ASP A 229 23.96 -4.56 -2.62
C ASP A 229 25.38 -4.26 -2.15
N GLU A 230 26.35 -4.30 -3.07
CA GLU A 230 27.76 -4.22 -2.75
C GLU A 230 28.21 -2.84 -2.25
N PHE A 231 27.47 -1.78 -2.53
CA PHE A 231 27.79 -0.48 -1.95
C PHE A 231 27.17 -0.31 -0.57
N LEU A 232 26.38 -1.28 -0.14
CA LEU A 232 25.85 -1.23 1.21
C LEU A 232 26.89 -1.77 2.17
N GLN A 233 26.65 -1.53 3.46
CA GLN A 233 27.55 -1.96 4.50
C GLN A 233 27.09 -3.32 5.00
N LYS A 234 25.81 -3.46 5.33
CA LYS A 234 25.24 -4.78 5.50
C LYS A 234 24.44 -5.03 4.22
N THR A 235 24.23 -6.29 3.86
CA THR A 235 23.34 -6.64 2.79
C THR A 235 22.17 -7.37 3.40
N ASP A 236 21.11 -7.55 2.61
CA ASP A 236 19.96 -8.31 3.07
C ASP A 236 19.78 -9.51 2.17
N PRO A 237 20.06 -10.75 2.63
CA PRO A 237 19.73 -11.94 1.84
C PRO A 237 18.30 -11.92 1.29
N LYS A 238 17.31 -11.71 2.17
CA LYS A 238 15.91 -11.70 1.77
C LYS A 238 15.58 -10.55 0.83
N ASP A 239 16.13 -9.36 1.09
CA ASP A 239 15.91 -8.18 0.25
C ASP A 239 17.19 -7.70 -0.43
N PRO A 240 17.51 -8.15 -1.66
CA PRO A 240 18.65 -7.60 -2.39
C PRO A 240 18.30 -6.23 -2.98
N ALA A 241 19.32 -5.48 -3.40
CA ALA A 241 19.14 -4.10 -3.81
C ALA A 241 19.29 -4.02 -5.33
N ASN A 242 18.41 -4.69 -6.06
CA ASN A 242 18.44 -4.64 -7.50
C ASN A 242 17.37 -3.67 -7.95
N TYR A 243 17.71 -2.82 -8.90
CA TYR A 243 16.86 -1.70 -9.25
C TYR A 243 16.39 -1.84 -10.69
N ILE A 244 15.20 -1.29 -10.97
CA ILE A 244 14.51 -1.40 -12.25
C ILE A 244 14.36 0.01 -12.83
N LEU A 245 15.11 0.29 -13.89
CA LEU A 245 15.10 1.61 -14.44
C LEU A 245 13.65 1.98 -14.70
N HIS A 246 13.19 3.11 -14.18
CA HIS A 246 11.79 3.47 -14.29
C HIS A 246 11.59 4.66 -15.21
N ALA A 247 12.39 5.72 -15.05
CA ALA A 247 12.30 6.85 -15.95
C ALA A 247 13.70 7.31 -16.28
N VAL A 248 13.75 8.08 -17.37
CA VAL A 248 14.98 8.68 -17.82
C VAL A 248 14.67 10.09 -18.26
N LEU A 249 15.12 11.05 -17.45
CA LEU A 249 14.90 12.44 -17.78
C LEU A 249 15.99 12.88 -18.74
N VAL A 250 15.60 13.59 -19.78
CA VAL A 250 16.50 13.85 -20.89
C VAL A 250 16.44 15.32 -21.24
N HIS A 251 17.60 15.82 -21.66
CA HIS A 251 17.72 17.18 -22.14
C HIS A 251 18.61 17.13 -23.36
N SER A 252 18.42 18.10 -24.26
CA SER A 252 19.33 18.27 -25.39
C SER A 252 19.46 19.75 -25.72
N GLY A 253 20.71 20.22 -25.90
CA GLY A 253 20.93 21.57 -26.44
C GLY A 253 22.08 22.34 -25.78
N ASP A 254 21.78 23.57 -25.28
CA ASP A 254 22.77 24.50 -24.76
C ASP A 254 22.05 25.74 -24.20
N ASN A 255 22.85 26.77 -23.88
CA ASN A 255 22.34 28.01 -23.29
C ASN A 255 21.50 28.83 -24.25
N HIS A 256 21.19 28.29 -25.44
CA HIS A 256 20.45 29.02 -26.45
C HIS A 256 19.13 28.27 -26.68
N GLY A 257 19.23 26.99 -27.08
CA GLY A 257 18.07 26.13 -27.30
C GLY A 257 18.17 24.81 -26.55
N GLY A 258 17.49 24.72 -25.38
CA GLY A 258 17.32 23.46 -24.68
C GLY A 258 15.88 22.94 -24.75
N HIS A 259 15.70 21.63 -24.60
CA HIS A 259 14.39 20.98 -24.74
C HIS A 259 14.37 19.74 -23.86
N TYR A 260 13.25 19.54 -23.14
CA TYR A 260 13.22 18.49 -22.12
C TYR A 260 12.16 17.43 -22.39
N VAL A 261 12.58 16.18 -22.16
CA VAL A 261 11.81 14.99 -22.45
C VAL A 261 12.08 13.88 -21.44
N VAL A 262 11.02 13.14 -21.12
CA VAL A 262 11.18 12.04 -20.18
C VAL A 262 10.62 10.79 -20.82
N TYR A 263 11.36 9.72 -20.64
CA TYR A 263 11.00 8.41 -21.11
C TYR A 263 10.58 7.64 -19.89
N LEU A 264 9.45 6.95 -19.96
CA LEU A 264 8.98 6.16 -18.84
C LEU A 264 8.49 4.82 -19.35
N ASN A 265 8.55 3.83 -18.46
CA ASN A 265 7.90 2.55 -18.65
C ASN A 265 7.08 2.42 -17.39
N PRO A 266 5.90 3.07 -17.35
CA PRO A 266 5.26 3.35 -16.07
C PRO A 266 4.95 2.12 -15.26
N LYS A 267 4.93 0.93 -15.89
CA LYS A 267 4.50 -0.29 -15.20
C LYS A 267 5.66 -1.23 -14.83
N GLY A 268 6.91 -0.80 -15.04
CA GLY A 268 8.08 -1.62 -14.76
C GLY A 268 8.15 -2.87 -15.63
N ASP A 269 7.42 -2.87 -16.76
CA ASP A 269 7.33 -4.05 -17.62
C ASP A 269 8.25 -3.90 -18.82
N GLY A 270 9.00 -2.81 -18.90
CA GLY A 270 9.90 -2.64 -20.02
C GLY A 270 9.20 -2.13 -21.27
N LYS A 271 7.89 -1.89 -21.23
CA LYS A 271 7.21 -1.21 -22.34
C LYS A 271 7.39 0.30 -22.22
N TRP A 272 8.39 0.86 -22.92
CA TRP A 272 8.73 2.27 -22.81
C TRP A 272 7.77 3.18 -23.59
N CYS A 273 7.69 4.44 -23.15
CA CYS A 273 6.96 5.52 -23.82
C CYS A 273 7.75 6.83 -23.80
N LYS A 274 7.66 7.60 -24.88
CA LYS A 274 8.31 8.89 -24.95
C LYS A 274 7.30 9.94 -24.51
N PHE A 275 7.67 10.80 -23.53
CA PHE A 275 6.83 11.93 -23.17
C PHE A 275 7.47 13.28 -23.58
N ASP A 276 7.05 13.81 -24.74
CA ASP A 276 7.48 15.12 -25.22
C ASP A 276 6.41 16.15 -24.90
N ASP A 277 6.10 16.36 -23.62
CA ASP A 277 5.11 17.34 -23.20
C ASP A 277 3.71 16.85 -23.58
N ASP A 278 3.11 17.52 -24.59
CA ASP A 278 1.74 17.30 -25.01
C ASP A 278 1.66 16.00 -25.81
N VAL A 279 2.76 15.66 -26.47
CA VAL A 279 2.84 14.49 -27.34
C VAL A 279 3.51 13.37 -26.60
N VAL A 280 2.78 12.27 -26.42
CA VAL A 280 3.27 11.07 -25.78
C VAL A 280 3.17 9.93 -26.78
N SER A 281 4.24 9.14 -26.94
CA SER A 281 4.26 8.06 -27.92
C SER A 281 4.92 6.80 -27.36
N ARG A 282 4.66 5.66 -27.98
CA ARG A 282 5.40 4.43 -27.67
C ARG A 282 6.80 4.58 -28.24
N CYS A 283 7.81 4.10 -27.51
CA CYS A 283 9.16 4.08 -28.05
C CYS A 283 9.88 2.81 -27.64
N THR A 284 11.08 2.63 -28.22
CA THR A 284 11.84 1.41 -28.03
C THR A 284 12.64 1.52 -26.74
N LYS A 285 13.04 0.38 -26.18
CA LYS A 285 13.93 0.35 -25.04
C LYS A 285 15.16 1.18 -25.40
N GLU A 286 15.67 0.94 -26.60
CA GLU A 286 16.90 1.56 -27.10
C GLU A 286 16.76 3.07 -27.13
N GLU A 287 15.63 3.56 -27.61
CA GLU A 287 15.42 5.01 -27.67
C GLU A 287 15.57 5.61 -26.25
N ALA A 288 14.93 4.97 -25.27
CA ALA A 288 14.96 5.42 -23.88
C ALA A 288 16.38 5.34 -23.31
N ILE A 289 17.10 4.21 -23.50
CA ILE A 289 18.33 3.91 -22.78
C ILE A 289 19.58 4.28 -23.60
N GLU A 290 20.10 3.34 -24.37
CA GLU A 290 21.37 3.55 -25.05
C GLU A 290 21.34 4.87 -25.81
N HIS A 291 20.20 5.23 -26.40
CA HIS A 291 20.20 6.43 -27.23
C HIS A 291 20.29 7.74 -26.41
N ASN A 292 20.32 7.62 -25.07
CA ASN A 292 20.48 8.78 -24.20
C ASN A 292 21.74 8.64 -23.34
N TYR A 293 22.67 7.81 -23.80
CA TYR A 293 23.92 7.61 -23.08
C TYR A 293 24.80 8.81 -23.33
N GLY A 294 24.56 9.50 -24.44
CA GLY A 294 25.28 10.72 -24.79
C GLY A 294 26.55 10.35 -25.54
N GLY A 295 27.12 11.37 -26.21
CA GLY A 295 28.36 11.24 -26.95
C GLY A 295 28.31 12.13 -28.17
N CYS A 305 23.07 18.17 -28.06
CA CYS A 305 23.43 16.72 -27.90
C CYS A 305 22.61 16.12 -26.75
N THR A 306 21.91 14.97 -27.02
CA THR A 306 20.63 14.62 -26.38
C THR A 306 20.66 13.41 -25.43
N ASN A 307 20.67 13.65 -24.10
CA ASN A 307 21.12 12.62 -23.17
C ASN A 307 20.54 12.80 -21.77
N ALA A 308 20.59 11.70 -21.02
CA ALA A 308 20.02 11.63 -19.68
C ALA A 308 20.70 12.63 -18.76
N TYR A 309 19.92 13.27 -17.89
CA TYR A 309 20.50 14.07 -16.81
C TYR A 309 20.02 13.59 -15.45
N MET A 310 18.85 12.97 -15.38
CA MET A 310 18.37 12.35 -14.14
C MET A 310 17.71 10.98 -14.38
N LEU A 311 17.83 10.03 -13.44
CA LEU A 311 17.25 8.71 -13.63
C LEU A 311 16.42 8.31 -12.42
N VAL A 312 15.40 7.52 -12.66
CA VAL A 312 14.62 7.00 -11.56
C VAL A 312 14.59 5.47 -11.62
N TYR A 313 14.63 4.87 -10.45
CA TYR A 313 14.91 3.44 -10.28
C TYR A 313 14.12 2.97 -9.08
N ILE A 314 13.30 1.94 -9.28
CA ILE A 314 12.60 1.33 -8.17
C ILE A 314 13.30 0.03 -7.80
N ARG A 315 13.37 -0.20 -6.48
CA ARG A 315 13.88 -1.45 -5.94
C ARG A 315 12.90 -2.53 -6.36
N GLU A 316 13.42 -3.64 -6.90
CA GLU A 316 12.67 -4.71 -7.54
C GLU A 316 11.58 -5.29 -6.63
N SER A 317 11.90 -5.41 -5.34
CA SER A 317 11.01 -6.09 -4.41
C SER A 317 9.75 -5.29 -4.21
N LYS A 318 9.92 -3.96 -4.12
CA LYS A 318 8.83 -3.07 -3.76
C LYS A 318 8.08 -2.56 -4.98
N LEU A 319 8.61 -2.86 -6.18
CA LEU A 319 8.04 -2.52 -7.48
C LEU A 319 6.50 -2.53 -7.54
N SER A 320 5.89 -3.70 -7.28
CA SER A 320 4.46 -3.92 -7.40
C SER A 320 3.64 -2.97 -6.54
N GLU A 321 4.16 -2.69 -5.35
CA GLU A 321 3.50 -1.78 -4.44
C GLU A 321 3.62 -0.35 -4.93
N VAL A 322 4.85 0.09 -5.21
CA VAL A 322 5.11 1.48 -5.58
C VAL A 322 4.30 1.82 -6.81
N LEU A 323 4.23 0.83 -7.69
CA LEU A 323 3.50 0.96 -8.94
C LEU A 323 2.16 0.27 -8.85
N GLN A 324 1.55 0.25 -7.67
CA GLN A 324 0.20 -0.28 -7.56
C GLN A 324 -0.69 0.54 -8.49
N ALA A 325 -1.65 -0.14 -9.11
CA ALA A 325 -2.56 0.54 -10.02
C ALA A 325 -3.48 1.43 -9.20
N VAL A 326 -4.16 2.33 -9.93
CA VAL A 326 -4.89 3.45 -9.39
C VAL A 326 -6.23 3.55 -10.14
N THR A 327 -7.32 3.25 -9.43
CA THR A 327 -8.66 3.47 -9.97
C THR A 327 -8.97 4.97 -9.93
N ASP A 328 -10.16 5.30 -10.43
CA ASP A 328 -10.75 6.60 -10.25
C ASP A 328 -11.50 6.62 -8.93
N HIS A 329 -11.63 5.47 -8.29
CA HIS A 329 -12.27 5.34 -6.98
C HIS A 329 -11.26 5.45 -5.85
N ASP A 330 -10.00 5.79 -6.19
CA ASP A 330 -8.97 6.09 -5.21
C ASP A 330 -8.93 7.60 -4.97
N ILE A 331 -9.78 8.34 -5.69
CA ILE A 331 -9.99 9.76 -5.40
C ILE A 331 -11.25 9.91 -4.55
N PRO A 332 -11.16 10.53 -3.36
CA PRO A 332 -12.33 11.10 -2.68
C PRO A 332 -13.25 11.97 -3.54
N GLN A 333 -14.55 11.80 -3.32
CA GLN A 333 -15.57 12.58 -4.00
C GLN A 333 -15.39 14.07 -3.69
N GLN A 334 -15.23 14.40 -2.39
CA GLN A 334 -15.15 15.80 -1.98
C GLN A 334 -14.23 16.53 -2.96
N LEU A 335 -13.01 15.99 -3.09
CA LEU A 335 -12.00 16.50 -4.00
C LEU A 335 -12.55 16.55 -5.41
N VAL A 336 -12.89 15.37 -5.95
CA VAL A 336 -13.40 15.24 -7.31
C VAL A 336 -14.37 16.38 -7.62
N GLU A 337 -15.33 16.61 -6.72
CA GLU A 337 -16.39 17.61 -6.91
C GLU A 337 -15.80 19.02 -7.06
N ARG A 338 -14.88 19.40 -6.16
CA ARG A 338 -14.28 20.73 -6.16
C ARG A 338 -13.65 21.06 -7.52
N LEU A 339 -12.81 20.15 -8.01
CA LEU A 339 -12.00 20.39 -9.18
C LEU A 339 -12.89 20.59 -10.41
N GLN A 340 -14.05 19.90 -10.41
CA GLN A 340 -14.97 19.90 -11.53
C GLN A 340 -15.65 21.24 -11.59
N GLU A 341 -16.26 21.62 -10.45
CA GLU A 341 -16.84 22.95 -10.35
C GLU A 341 -15.85 23.96 -10.90
N GLU A 342 -14.59 23.84 -10.44
CA GLU A 342 -13.52 24.76 -10.79
C GLU A 342 -13.29 24.77 -12.31
N LYS A 343 -13.39 23.60 -12.94
CA LYS A 343 -13.23 23.47 -14.38
C LYS A 343 -14.46 24.02 -15.09
N ARG A 344 -15.65 23.57 -14.66
CA ARG A 344 -16.89 24.04 -15.27
C ARG A 344 -16.89 25.56 -15.26
N ILE A 345 -16.68 26.12 -14.08
CA ILE A 345 -16.69 27.56 -13.88
C ILE A 345 -15.64 28.20 -14.77
N GLU A 346 -14.70 27.41 -15.30
CA GLU A 346 -13.78 27.93 -16.31
C GLU A 346 -14.58 28.18 -17.60
N ALA A 347 -15.50 29.15 -17.54
CA ALA A 347 -16.42 29.43 -18.64
C ALA A 347 -16.15 30.86 -19.13
N GLN A 348 -15.61 30.97 -20.34
CA GLN A 348 -15.16 32.25 -20.84
C GLN A 348 -15.99 32.67 -22.06
N LYS A 349 -16.07 33.99 -22.30
CA LYS A 349 -16.87 34.57 -23.36
C LYS A 349 -15.97 35.20 -24.44
N THR B 6 9.92 -19.56 9.04
CA THR B 6 8.98 -18.74 8.23
C THR B 6 9.37 -17.27 8.31
N GLY B 7 9.77 -16.81 9.51
CA GLY B 7 9.94 -15.39 9.84
C GLY B 7 8.75 -14.80 10.62
N TYR B 8 7.77 -15.67 10.92
CA TYR B 8 6.47 -15.29 11.43
C TYR B 8 6.22 -16.09 12.71
N VAL B 9 5.63 -15.48 13.76
CA VAL B 9 5.59 -16.12 15.07
C VAL B 9 4.16 -16.57 15.42
N GLY B 10 4.04 -17.46 16.40
CA GLY B 10 2.76 -18.00 16.79
C GLY B 10 2.16 -17.39 18.07
N LEU B 11 0.90 -17.79 18.31
CA LEU B 11 0.15 -17.41 19.48
C LEU B 11 0.02 -18.60 20.40
N LYS B 12 0.00 -18.31 21.72
CA LYS B 12 0.01 -19.34 22.73
C LYS B 12 -1.29 -20.15 22.73
N ASN B 13 -1.15 -21.45 22.97
CA ASN B 13 -2.32 -22.22 23.29
C ASN B 13 -2.64 -21.92 24.75
N GLN B 14 -3.44 -20.89 24.97
CA GLN B 14 -3.85 -20.50 26.30
C GLN B 14 -5.28 -20.94 26.62
N GLY B 15 -5.77 -21.92 25.84
CA GLY B 15 -6.90 -22.75 26.24
C GLY B 15 -7.80 -23.13 25.07
N ALA B 16 -9.11 -22.97 25.33
CA ALA B 16 -10.18 -23.35 24.43
C ALA B 16 -10.73 -22.10 23.73
N THR B 17 -9.82 -21.20 23.39
CA THR B 17 -10.12 -19.98 22.67
C THR B 17 -10.75 -20.33 21.31
N CYS B 18 -10.56 -21.57 20.88
CA CYS B 18 -11.07 -22.12 19.64
C CYS B 18 -10.44 -21.35 18.47
N TYR B 19 -11.25 -20.61 17.72
CA TYR B 19 -10.81 -19.96 16.50
C TYR B 19 -10.10 -18.64 16.78
N MET B 20 -10.02 -18.22 18.03
CA MET B 20 -9.46 -16.92 18.31
C MET B 20 -8.14 -16.76 17.56
N ASN B 21 -7.14 -17.57 17.94
CA ASN B 21 -5.81 -17.46 17.37
C ASN B 21 -5.86 -17.49 15.83
N SER B 22 -6.66 -18.36 15.25
CA SER B 22 -6.85 -18.34 13.82
C SER B 22 -7.20 -16.91 13.35
N LEU B 23 -8.23 -16.30 13.96
CA LEU B 23 -8.72 -15.01 13.51
C LEU B 23 -7.67 -13.91 13.73
N LEU B 24 -6.91 -14.05 14.81
CA LEU B 24 -6.00 -12.98 15.19
C LEU B 24 -4.94 -12.73 14.11
N GLN B 25 -4.53 -13.82 13.47
CA GLN B 25 -3.43 -13.81 12.57
C GLN B 25 -3.97 -13.30 11.25
N THR B 26 -5.15 -13.80 10.88
CA THR B 26 -5.86 -13.35 9.70
C THR B 26 -5.87 -11.83 9.68
N LEU B 27 -6.11 -11.21 10.83
CA LEU B 27 -6.27 -9.77 10.89
C LEU B 27 -4.90 -9.15 10.88
N PHE B 28 -4.05 -9.68 11.73
CA PHE B 28 -2.72 -9.13 11.88
C PHE B 28 -1.98 -9.10 10.55
N PHE B 29 -2.36 -10.00 9.62
CA PHE B 29 -1.82 -10.01 8.27
C PHE B 29 -2.70 -9.26 7.28
N THR B 30 -3.84 -8.72 7.72
CA THR B 30 -4.57 -7.73 6.94
C THR B 30 -3.85 -6.42 7.19
N ASN B 31 -2.74 -6.18 6.50
CA ASN B 31 -1.77 -5.20 6.95
C ASN B 31 -2.41 -3.83 7.17
N GLN B 32 -3.23 -3.36 6.22
CA GLN B 32 -3.75 -2.00 6.28
C GLN B 32 -4.58 -1.83 7.54
N LEU B 33 -5.14 -2.92 8.06
CA LEU B 33 -5.83 -2.92 9.34
C LEU B 33 -4.84 -2.69 10.46
N ARG B 34 -3.77 -3.46 10.43
CA ARG B 34 -2.76 -3.37 11.45
C ARG B 34 -2.22 -1.96 11.53
N LYS B 35 -1.88 -1.37 10.39
CA LYS B 35 -1.31 -0.02 10.40
C LYS B 35 -2.35 0.87 11.08
N ALA B 36 -3.60 0.74 10.65
CA ALA B 36 -4.63 1.59 11.23
C ALA B 36 -4.77 1.32 12.72
N VAL B 37 -4.67 0.06 13.15
CA VAL B 37 -4.75 -0.24 14.56
C VAL B 37 -3.69 0.52 15.33
N TYR B 38 -2.44 0.40 14.89
CA TYR B 38 -1.30 1.14 15.44
C TYR B 38 -1.53 2.66 15.62
N MET B 39 -2.42 3.32 14.86
CA MET B 39 -2.66 4.74 15.02
C MET B 39 -3.61 5.06 16.19
N MET B 40 -4.41 4.07 16.62
CA MET B 40 -5.50 4.28 17.55
C MET B 40 -4.99 4.86 18.86
N PRO B 41 -5.47 6.07 19.25
CA PRO B 41 -4.87 6.79 20.37
C PRO B 41 -5.33 6.26 21.72
N THR B 42 -4.62 5.23 22.23
CA THR B 42 -4.99 4.54 23.45
C THR B 42 -4.27 5.09 24.68
N GLU B 43 -3.73 6.30 24.59
CA GLU B 43 -2.79 6.87 25.54
C GLU B 43 -3.27 6.71 26.99
N GLY B 44 -4.56 6.97 27.20
CA GLY B 44 -5.12 6.95 28.54
C GLY B 44 -5.97 5.72 28.84
N ASP B 45 -5.99 4.72 27.94
CA ASP B 45 -6.88 3.59 28.11
C ASP B 45 -6.37 2.66 29.20
N ASP B 46 -7.32 2.11 29.99
CA ASP B 46 -6.98 1.20 31.08
C ASP B 46 -6.34 -0.07 30.53
N SER B 47 -5.11 -0.30 30.99
CA SER B 47 -4.31 -1.44 30.62
C SER B 47 -5.06 -2.77 30.53
N SER B 48 -6.17 -2.95 31.27
CA SER B 48 -6.84 -4.25 31.32
C SER B 48 -8.10 -4.31 30.47
N LYS B 49 -8.89 -3.24 30.52
CA LYS B 49 -10.23 -3.25 30.02
C LYS B 49 -10.27 -2.90 28.54
N SER B 50 -9.17 -2.33 28.01
CA SER B 50 -9.18 -1.80 26.65
C SER B 50 -8.92 -2.90 25.64
N VAL B 51 -9.99 -3.32 24.96
CA VAL B 51 -9.85 -4.15 23.79
C VAL B 51 -8.90 -3.43 22.84
N PRO B 52 -9.22 -2.23 22.33
CA PRO B 52 -8.38 -1.63 21.28
C PRO B 52 -6.90 -1.63 21.63
N LEU B 53 -6.61 -1.44 22.93
CA LEU B 53 -5.25 -1.52 23.42
C LEU B 53 -4.71 -2.91 23.15
N ALA B 54 -5.35 -3.95 23.71
CA ALA B 54 -4.87 -5.32 23.65
C ALA B 54 -4.59 -5.77 22.20
N LEU B 55 -5.36 -5.25 21.24
CA LEU B 55 -5.09 -5.59 19.85
C LEU B 55 -3.72 -5.02 19.47
N GLN B 56 -3.54 -3.71 19.67
CA GLN B 56 -2.23 -3.08 19.55
C GLN B 56 -1.12 -3.89 20.22
N ARG B 57 -1.33 -4.36 21.46
CA ARG B 57 -0.32 -5.12 22.17
C ARG B 57 -0.01 -6.41 21.42
N VAL B 58 -1.06 -7.15 21.04
CA VAL B 58 -0.88 -8.44 20.41
C VAL B 58 -0.27 -8.26 19.02
N PHE B 59 -0.77 -7.34 18.21
CA PHE B 59 -0.18 -7.09 16.91
C PHE B 59 1.31 -6.78 16.98
N TYR B 60 1.69 -5.71 17.69
CA TYR B 60 3.08 -5.43 18.03
C TYR B 60 3.87 -6.70 18.33
N GLU B 61 3.41 -7.47 19.33
CA GLU B 61 4.06 -8.73 19.74
C GLU B 61 4.25 -9.72 18.59
N LEU B 62 3.18 -9.98 17.83
CA LEU B 62 3.30 -10.77 16.62
C LEU B 62 4.42 -10.21 15.74
N GLN B 63 4.41 -8.90 15.51
CA GLN B 63 5.39 -8.26 14.65
C GLN B 63 6.79 -8.16 15.28
N HIS B 64 6.92 -8.28 16.61
CA HIS B 64 8.23 -8.14 17.24
C HIS B 64 8.76 -9.34 18.02
N SER B 65 7.92 -10.15 18.69
CA SER B 65 8.40 -11.25 19.52
C SER B 65 8.94 -12.38 18.66
N ASP B 66 10.07 -12.96 19.08
CA ASP B 66 10.54 -14.20 18.48
C ASP B 66 9.83 -15.41 19.11
N LYS B 67 9.26 -15.19 20.30
CA LYS B 67 8.63 -16.25 21.07
C LYS B 67 7.10 -16.16 20.99
N PRO B 68 6.37 -17.24 21.33
CA PRO B 68 4.91 -17.22 21.25
C PRO B 68 4.28 -16.06 22.01
N VAL B 69 3.30 -15.39 21.39
CA VAL B 69 2.64 -14.21 21.93
C VAL B 69 1.38 -14.61 22.68
N GLY B 70 1.21 -14.04 23.88
CA GLY B 70 0.10 -14.40 24.76
C GLY B 70 -1.11 -13.52 24.50
N THR B 71 -2.30 -13.96 24.97
CA THR B 71 -3.57 -13.31 24.64
C THR B 71 -4.48 -13.14 25.86
N LYS B 72 -4.06 -13.57 27.05
CA LYS B 72 -4.96 -13.56 28.21
C LYS B 72 -5.53 -12.17 28.45
N LYS B 73 -4.70 -11.14 28.29
CA LYS B 73 -5.13 -9.76 28.52
C LYS B 73 -6.23 -9.31 27.55
N LEU B 74 -6.31 -9.96 26.38
CA LEU B 74 -7.30 -9.64 25.36
C LEU B 74 -8.54 -10.48 25.62
N THR B 75 -8.30 -11.77 25.91
CA THR B 75 -9.33 -12.67 26.38
C THR B 75 -10.09 -12.01 27.51
N LYS B 76 -9.35 -11.35 28.42
CA LYS B 76 -9.94 -10.62 29.52
C LYS B 76 -10.65 -9.37 29.00
N SER B 77 -9.96 -8.55 28.22
CA SER B 77 -10.48 -7.24 27.83
C SER B 77 -11.94 -7.31 27.38
N PHE B 78 -12.28 -8.29 26.51
CA PHE B 78 -13.64 -8.43 25.98
C PHE B 78 -14.44 -9.55 26.65
N GLY B 79 -13.86 -10.19 27.66
CA GLY B 79 -14.62 -10.91 28.67
C GLY B 79 -15.42 -12.07 28.11
N TRP B 80 -14.71 -13.00 27.45
CA TRP B 80 -15.25 -14.30 27.11
C TRP B 80 -14.42 -15.33 27.89
N GLU B 81 -14.50 -15.30 29.21
CA GLU B 81 -13.60 -16.14 30.01
C GLU B 81 -14.25 -17.43 30.48
N THR B 82 -15.40 -17.82 29.89
CA THR B 82 -16.06 -19.07 30.23
C THR B 82 -15.50 -20.16 29.31
N LEU B 83 -16.03 -21.39 29.44
CA LEU B 83 -15.55 -22.52 28.67
C LEU B 83 -16.15 -22.49 27.28
N ASP B 84 -17.47 -22.51 27.32
CA ASP B 84 -18.30 -22.51 26.14
C ASP B 84 -18.31 -21.13 25.52
N SER B 85 -17.81 -20.08 26.21
CA SER B 85 -18.03 -18.73 25.73
C SER B 85 -17.71 -18.63 24.23
N PHE B 86 -16.59 -19.25 23.86
CA PHE B 86 -16.19 -19.31 22.46
C PHE B 86 -17.11 -20.22 21.64
N MET B 87 -17.25 -21.49 22.05
CA MET B 87 -17.98 -22.48 21.27
C MET B 87 -19.50 -22.28 21.37
N GLN B 88 -19.92 -21.24 22.09
CA GLN B 88 -21.33 -20.88 22.11
C GLN B 88 -21.53 -19.72 21.16
N HIS B 89 -20.47 -19.35 20.42
CA HIS B 89 -20.49 -18.22 19.50
C HIS B 89 -20.04 -18.63 18.10
N ASP B 90 -20.14 -17.68 17.16
CA ASP B 90 -19.69 -17.87 15.79
C ASP B 90 -18.40 -17.06 15.58
N VAL B 91 -17.59 -17.46 14.58
CA VAL B 91 -16.33 -16.80 14.30
C VAL B 91 -16.54 -15.33 13.90
N GLN B 92 -17.63 -15.02 13.21
CA GLN B 92 -17.83 -13.65 12.75
C GLN B 92 -18.27 -12.84 13.95
N GLU B 93 -18.84 -13.52 14.94
CA GLU B 93 -19.34 -12.86 16.14
C GLU B 93 -18.18 -12.21 16.90
N LEU B 94 -17.03 -12.90 16.97
CA LEU B 94 -15.82 -12.28 17.50
C LEU B 94 -15.33 -11.18 16.58
N CYS B 95 -15.15 -11.53 15.31
CA CYS B 95 -14.64 -10.56 14.37
C CYS B 95 -15.45 -9.28 14.51
N ARG B 96 -16.69 -9.43 14.94
CA ARG B 96 -17.52 -8.25 15.16
C ARG B 96 -17.04 -7.46 16.36
N VAL B 97 -16.93 -8.13 17.52
CA VAL B 97 -16.54 -7.46 18.74
C VAL B 97 -15.27 -6.68 18.50
N LEU B 98 -14.25 -7.37 17.98
CA LEU B 98 -12.94 -6.78 17.78
C LEU B 98 -13.11 -5.58 16.84
N LEU B 99 -13.54 -5.82 15.61
CA LEU B 99 -13.54 -4.76 14.61
C LEU B 99 -14.39 -3.57 15.05
N ASP B 100 -15.43 -3.78 15.86
CA ASP B 100 -16.25 -2.66 16.30
C ASP B 100 -15.48 -1.79 17.30
N ASN B 101 -15.04 -2.40 18.43
CA ASN B 101 -14.17 -1.75 19.40
C ASN B 101 -13.17 -0.85 18.69
N VAL B 102 -12.52 -1.42 17.66
CA VAL B 102 -11.47 -0.77 16.91
C VAL B 102 -12.01 0.37 16.03
N GLU B 103 -12.95 0.07 15.12
CA GLU B 103 -13.58 1.09 14.27
C GLU B 103 -13.99 2.34 15.06
N ASN B 104 -14.68 2.12 16.18
CA ASN B 104 -15.11 3.12 17.14
C ASN B 104 -13.95 3.99 17.58
N LYS B 105 -12.92 3.34 18.13
CA LYS B 105 -11.78 4.05 18.68
C LYS B 105 -11.17 4.99 17.64
N MET B 106 -11.39 4.74 16.33
CA MET B 106 -10.73 5.51 15.27
C MET B 106 -11.57 6.73 14.87
N LYS B 107 -12.60 7.06 15.67
CA LYS B 107 -13.51 8.13 15.32
C LYS B 107 -12.96 9.47 15.80
N GLY B 108 -13.05 10.45 14.90
CA GLY B 108 -12.41 11.75 15.06
C GLY B 108 -10.89 11.61 14.96
N THR B 109 -10.43 10.69 14.11
CA THR B 109 -9.01 10.60 13.82
C THR B 109 -8.82 10.57 12.31
N CYS B 110 -7.55 10.59 11.93
CA CYS B 110 -7.15 10.52 10.53
C CYS B 110 -7.55 9.18 9.92
N VAL B 111 -7.56 8.14 10.76
CA VAL B 111 -7.75 6.77 10.32
C VAL B 111 -9.19 6.32 10.54
N GLU B 112 -10.10 7.29 10.63
CA GLU B 112 -11.54 7.08 10.76
C GLU B 112 -12.06 6.50 9.44
N GLY B 113 -12.95 5.49 9.55
CA GLY B 113 -13.62 4.89 8.41
C GLY B 113 -12.80 3.79 7.71
N THR B 114 -11.86 3.18 8.44
CA THR B 114 -10.97 2.21 7.86
C THR B 114 -11.68 0.87 7.82
N ILE B 115 -12.26 0.43 8.93
CA ILE B 115 -12.93 -0.85 8.94
C ILE B 115 -13.95 -0.92 7.79
N PRO B 116 -14.82 0.10 7.61
CA PRO B 116 -15.70 0.10 6.43
C PRO B 116 -14.93 0.08 5.11
N LYS B 117 -13.98 1.01 4.95
CA LYS B 117 -13.14 1.04 3.75
C LYS B 117 -12.68 -0.35 3.30
N LEU B 118 -12.43 -1.26 4.26
CA LEU B 118 -11.75 -2.51 3.96
C LEU B 118 -12.71 -3.68 3.88
N PHE B 119 -13.63 -3.79 4.85
CA PHE B 119 -14.42 -5.00 5.06
C PHE B 119 -15.88 -4.85 4.69
N ARG B 120 -16.36 -3.65 4.36
CA ARG B 120 -17.80 -3.40 4.25
C ARG B 120 -18.22 -3.24 2.80
N GLY B 121 -19.20 -4.05 2.39
CA GLY B 121 -19.81 -3.93 1.07
C GLY B 121 -21.31 -3.91 1.20
N LYS B 122 -22.00 -3.54 0.11
CA LYS B 122 -23.45 -3.39 0.22
C LYS B 122 -24.21 -4.28 -0.75
N MET B 123 -25.39 -4.62 -0.25
CA MET B 123 -26.27 -5.69 -0.72
C MET B 123 -27.60 -5.01 -1.06
N VAL B 124 -28.59 -5.74 -1.60
CA VAL B 124 -29.97 -5.24 -1.68
C VAL B 124 -30.94 -6.40 -1.50
N SER B 125 -31.84 -6.30 -0.53
CA SER B 125 -32.92 -7.26 -0.36
C SER B 125 -34.16 -6.70 -1.01
N TYR B 126 -34.90 -7.56 -1.68
CA TYR B 126 -36.07 -7.11 -2.39
C TYR B 126 -37.09 -8.22 -2.34
N ILE B 127 -38.37 -7.81 -2.26
CA ILE B 127 -39.50 -8.69 -2.40
C ILE B 127 -40.34 -8.17 -3.57
N GLN B 128 -40.77 -9.10 -4.43
CA GLN B 128 -41.55 -8.75 -5.59
C GLN B 128 -42.73 -9.69 -5.68
N CYS B 129 -43.90 -9.14 -5.32
CA CYS B 129 -45.19 -9.78 -5.42
C CYS B 129 -45.38 -10.21 -6.87
N LYS B 130 -45.70 -11.48 -7.09
CA LYS B 130 -45.75 -11.99 -8.46
C LYS B 130 -46.88 -11.25 -9.18
N GLU B 131 -48.05 -11.28 -8.51
CA GLU B 131 -49.26 -10.82 -9.15
C GLU B 131 -49.31 -9.28 -9.19
N VAL B 132 -49.25 -8.60 -8.03
CA VAL B 132 -49.62 -7.18 -7.93
C VAL B 132 -48.40 -6.28 -8.15
N ASP B 133 -48.64 -5.03 -8.56
CA ASP B 133 -47.58 -4.04 -8.70
C ASP B 133 -47.14 -3.55 -7.32
N TYR B 134 -46.38 -4.38 -6.60
CA TYR B 134 -45.81 -3.96 -5.31
C TYR B 134 -44.38 -4.51 -5.16
N ARG B 135 -43.42 -3.64 -4.80
CA ARG B 135 -42.04 -4.05 -4.59
C ARG B 135 -41.42 -3.35 -3.36
N SER B 136 -40.50 -4.05 -2.68
CA SER B 136 -39.79 -3.52 -1.52
C SER B 136 -38.27 -3.66 -1.70
N ASP B 137 -37.50 -2.57 -1.61
CA ASP B 137 -36.06 -2.62 -1.87
C ASP B 137 -35.25 -1.99 -0.76
N ARG B 138 -34.92 -2.77 0.27
CA ARG B 138 -34.02 -2.29 1.31
C ARG B 138 -32.58 -2.61 0.89
N ARG B 139 -31.70 -1.61 1.04
CA ARG B 139 -30.28 -1.77 0.83
C ARG B 139 -29.67 -2.08 2.20
N GLU B 140 -28.81 -3.09 2.30
CA GLU B 140 -28.20 -3.41 3.58
C GLU B 140 -26.70 -3.27 3.41
N ASP B 141 -25.96 -3.33 4.51
CA ASP B 141 -24.52 -3.40 4.41
C ASP B 141 -24.10 -4.74 5.01
N TYR B 142 -22.87 -5.14 4.75
CA TYR B 142 -22.31 -6.33 5.39
C TYR B 142 -20.81 -6.09 5.52
N TYR B 143 -20.21 -6.80 6.47
CA TYR B 143 -18.77 -6.86 6.58
C TYR B 143 -18.30 -8.30 6.44
N ASP B 144 -19.20 -9.19 6.05
CA ASP B 144 -18.90 -10.60 5.93
C ASP B 144 -20.13 -11.31 5.36
N ILE B 145 -19.96 -12.56 4.90
CA ILE B 145 -21.06 -13.32 4.33
C ILE B 145 -21.09 -14.73 4.89
N GLN B 146 -22.28 -15.27 5.14
CA GLN B 146 -22.41 -16.66 5.59
C GLN B 146 -22.99 -17.53 4.48
N LEU B 147 -22.11 -18.32 3.85
CA LEU B 147 -22.49 -19.11 2.68
C LEU B 147 -22.96 -20.48 3.11
N SER B 148 -24.04 -20.93 2.46
CA SER B 148 -24.61 -22.26 2.55
C SER B 148 -23.64 -23.26 1.93
N ILE B 149 -23.51 -24.47 2.50
CA ILE B 149 -22.70 -25.51 1.87
C ILE B 149 -23.54 -26.72 1.51
N LYS B 150 -24.49 -27.09 2.39
CA LYS B 150 -25.07 -28.39 2.27
C LYS B 150 -25.82 -28.45 0.94
N GLY B 151 -25.49 -29.49 0.17
CA GLY B 151 -26.01 -29.61 -1.19
C GLY B 151 -25.26 -28.68 -2.14
N LYS B 152 -24.12 -28.14 -1.70
CA LYS B 152 -23.35 -27.25 -2.56
C LYS B 152 -22.00 -27.92 -2.77
N LYS B 153 -21.51 -27.87 -4.01
CA LYS B 153 -20.28 -28.54 -4.37
C LYS B 153 -19.14 -27.55 -4.20
N ASN B 154 -19.40 -26.30 -4.60
CA ASN B 154 -18.37 -25.27 -4.60
C ASN B 154 -18.91 -23.91 -4.23
N ILE B 155 -17.97 -22.99 -4.02
CA ILE B 155 -18.25 -21.58 -3.80
C ILE B 155 -19.26 -21.10 -4.81
N PHE B 156 -18.99 -21.31 -6.11
CA PHE B 156 -19.85 -20.81 -7.17
C PHE B 156 -21.32 -21.13 -6.86
N GLU B 157 -21.60 -22.40 -6.62
CA GLU B 157 -22.96 -22.87 -6.34
C GLU B 157 -23.52 -22.32 -5.02
N SER B 158 -22.66 -21.86 -4.10
CA SER B 158 -23.10 -21.22 -2.86
C SER B 158 -23.56 -19.80 -3.12
N PHE B 159 -22.81 -19.06 -3.94
CA PHE B 159 -23.17 -17.69 -4.24
C PHE B 159 -24.45 -17.68 -5.05
N VAL B 160 -24.48 -18.56 -6.06
CA VAL B 160 -25.63 -18.68 -6.93
C VAL B 160 -26.86 -18.87 -6.06
N ASP B 161 -26.75 -19.82 -5.12
CA ASP B 161 -27.80 -20.06 -4.16
C ASP B 161 -28.05 -18.83 -3.28
N TYR B 162 -26.98 -18.16 -2.84
CA TYR B 162 -27.11 -16.93 -2.05
C TYR B 162 -27.90 -15.82 -2.76
N VAL B 163 -27.92 -15.77 -4.11
CA VAL B 163 -28.80 -14.83 -4.81
C VAL B 163 -30.05 -15.52 -5.35
N ALA B 164 -30.36 -16.74 -4.89
CA ALA B 164 -31.45 -17.53 -5.48
C ALA B 164 -32.80 -16.92 -5.12
N VAL B 165 -33.41 -16.32 -6.14
CA VAL B 165 -34.74 -15.76 -6.02
C VAL B 165 -35.71 -16.82 -5.49
N GLU B 166 -36.14 -16.64 -4.24
CA GLU B 166 -37.02 -17.56 -3.54
C GLU B 166 -38.47 -17.10 -3.64
N GLN B 167 -39.40 -18.06 -3.65
CA GLN B 167 -40.85 -17.83 -3.71
C GLN B 167 -41.45 -17.80 -2.29
N LEU B 168 -42.64 -17.20 -2.15
CA LEU B 168 -43.45 -17.22 -0.93
C LEU B 168 -44.89 -17.55 -1.28
N ASP B 169 -45.25 -18.84 -1.12
CA ASP B 169 -46.54 -19.35 -1.56
C ASP B 169 -47.27 -20.01 -0.39
N GLY B 170 -48.39 -20.69 -0.65
CA GLY B 170 -49.05 -21.52 0.35
C GLY B 170 -49.25 -20.85 1.72
N ASP B 171 -49.02 -21.66 2.77
CA ASP B 171 -49.21 -21.28 4.17
C ASP B 171 -48.46 -19.99 4.51
N ASN B 172 -47.43 -19.66 3.73
CA ASN B 172 -46.62 -18.47 3.97
C ASN B 172 -46.66 -17.55 2.75
N LYS B 173 -47.57 -16.57 2.76
CA LYS B 173 -47.59 -15.55 1.72
C LYS B 173 -46.87 -14.32 2.25
N TYR B 174 -46.79 -13.25 1.43
CA TYR B 174 -46.11 -12.02 1.81
C TYR B 174 -47.13 -10.99 2.21
N ASP B 175 -47.22 -10.67 3.51
CA ASP B 175 -48.12 -9.60 3.93
C ASP B 175 -47.78 -8.33 3.16
N ALA B 176 -48.49 -8.08 2.04
CA ALA B 176 -48.22 -6.95 1.15
C ALA B 176 -48.93 -5.67 1.60
N GLY B 177 -49.22 -5.59 2.91
CA GLY B 177 -49.77 -4.39 3.49
C GLY B 177 -51.21 -4.20 3.02
N GLU B 178 -51.39 -3.21 2.15
CA GLU B 178 -52.72 -2.80 1.76
C GLU B 178 -53.33 -3.79 0.76
N HIS B 179 -52.48 -4.51 0.01
CA HIS B 179 -52.94 -5.52 -0.94
C HIS B 179 -53.09 -6.89 -0.27
N GLY B 180 -52.99 -6.94 1.05
CA GLY B 180 -53.25 -8.16 1.79
C GLY B 180 -52.08 -9.10 1.65
N LEU B 181 -52.33 -10.39 1.91
CA LEU B 181 -51.32 -11.41 1.68
C LEU B 181 -51.09 -11.53 0.19
N GLN B 182 -49.90 -11.94 -0.24
CA GLN B 182 -49.69 -12.00 -1.68
C GLN B 182 -48.83 -13.20 -2.05
N GLU B 183 -48.71 -13.44 -3.35
CA GLU B 183 -47.70 -14.36 -3.83
C GLU B 183 -46.53 -13.49 -4.24
N ALA B 184 -45.37 -13.74 -3.62
CA ALA B 184 -44.20 -12.90 -3.95
C ALA B 184 -42.90 -13.70 -3.84
N GLU B 185 -41.88 -13.20 -4.53
CA GLU B 185 -40.57 -13.82 -4.54
C GLU B 185 -39.57 -12.87 -3.88
N LYS B 186 -38.87 -13.38 -2.85
CA LYS B 186 -37.84 -12.60 -2.15
C LYS B 186 -36.45 -13.14 -2.46
N GLY B 187 -35.57 -12.23 -2.92
CA GLY B 187 -34.18 -12.57 -3.21
C GLY B 187 -33.23 -11.51 -2.67
N VAL B 188 -31.94 -11.65 -3.01
CA VAL B 188 -30.90 -10.71 -2.60
C VAL B 188 -30.06 -10.33 -3.82
N LYS B 189 -29.30 -9.25 -3.76
CA LYS B 189 -28.30 -9.05 -4.81
C LYS B 189 -27.27 -7.96 -4.48
N PHE B 190 -26.00 -8.35 -4.57
CA PHE B 190 -24.84 -7.50 -4.27
C PHE B 190 -24.81 -6.29 -5.20
N LEU B 191 -24.39 -5.16 -4.63
CA LEU B 191 -24.04 -3.99 -5.40
C LEU B 191 -22.52 -3.84 -5.37
N THR B 192 -21.91 -4.10 -4.22
CA THR B 192 -20.46 -3.97 -4.08
C THR B 192 -19.92 -5.10 -3.22
N LEU B 193 -18.67 -5.46 -3.50
CA LEU B 193 -17.94 -6.42 -2.68
C LEU B 193 -16.75 -5.69 -2.12
N PRO B 194 -16.47 -5.86 -0.83
CA PRO B 194 -15.49 -5.03 -0.17
C PRO B 194 -14.15 -5.55 -0.63
N PRO B 195 -13.08 -4.77 -0.44
CA PRO B 195 -11.70 -5.25 -0.64
C PRO B 195 -11.36 -6.53 0.13
N VAL B 196 -11.93 -6.72 1.33
CA VAL B 196 -11.63 -7.92 2.07
C VAL B 196 -12.89 -8.75 2.33
N LEU B 197 -13.01 -9.85 1.59
CA LEU B 197 -14.14 -10.76 1.74
C LEU B 197 -13.84 -11.64 2.92
N HIS B 198 -14.73 -11.54 3.91
CA HIS B 198 -14.82 -12.57 4.91
C HIS B 198 -15.99 -13.43 4.48
N LEU B 199 -15.71 -14.65 4.03
CA LEU B 199 -16.76 -15.64 3.85
C LEU B 199 -16.67 -16.69 4.96
N GLN B 200 -17.76 -16.94 5.65
CA GLN B 200 -17.80 -18.07 6.55
C GLN B 200 -18.70 -19.10 5.91
N LEU B 201 -18.47 -20.37 6.23
CA LEU B 201 -19.14 -21.48 5.58
C LEU B 201 -19.95 -22.23 6.62
N MET B 202 -21.28 -22.27 6.43
CA MET B 202 -22.17 -22.80 7.46
C MET B 202 -22.10 -24.33 7.56
N ARG B 203 -21.04 -24.83 8.20
CA ARG B 203 -20.79 -26.27 8.37
C ARG B 203 -21.38 -26.83 9.66
N ALA B 204 -22.05 -25.97 10.44
CA ALA B 204 -22.64 -26.37 11.70
C ALA B 204 -24.15 -26.21 11.60
N MET B 205 -24.88 -27.02 12.35
CA MET B 205 -26.33 -26.90 12.31
C MET B 205 -26.99 -27.64 13.46
N TYR B 206 -28.08 -27.07 13.98
CA TYR B 206 -28.80 -27.66 15.08
C TYR B 206 -29.20 -29.10 14.72
N ASP B 207 -28.93 -30.02 15.63
CA ASP B 207 -29.49 -31.36 15.56
C ASP B 207 -30.13 -31.58 16.92
N PRO B 208 -31.27 -30.91 17.22
CA PRO B 208 -31.86 -30.98 18.57
C PRO B 208 -31.33 -32.10 19.44
N GLN B 209 -31.45 -33.35 18.98
CA GLN B 209 -31.02 -34.51 19.77
C GLN B 209 -29.50 -34.50 20.03
N THR B 210 -28.81 -33.44 19.57
CA THR B 210 -27.38 -33.28 19.82
C THR B 210 -26.98 -31.83 19.53
N ILE B 214 -23.74 -29.85 15.83
CA ILE B 214 -23.13 -30.82 14.86
C ILE B 214 -22.15 -30.13 13.88
N LYS B 215 -21.22 -30.94 13.38
CA LYS B 215 -20.36 -30.52 12.29
C LYS B 215 -20.80 -31.26 11.02
N ILE B 216 -20.84 -30.52 9.90
CA ILE B 216 -21.00 -31.15 8.60
C ILE B 216 -19.63 -31.21 7.94
N ASN B 217 -19.24 -32.40 7.47
CA ASN B 217 -17.92 -32.61 6.91
C ASN B 217 -17.92 -32.86 5.39
N ASP B 218 -18.90 -32.28 4.69
CA ASP B 218 -19.08 -32.57 3.28
C ASP B 218 -17.98 -31.85 2.48
N ARG B 219 -17.57 -32.46 1.37
CA ARG B 219 -16.56 -31.88 0.50
C ARG B 219 -17.00 -30.55 -0.12
N PHE B 220 -16.50 -29.44 0.39
CA PHE B 220 -16.80 -28.12 -0.16
C PHE B 220 -15.56 -27.52 -0.83
N GLU B 221 -15.74 -26.98 -2.04
CA GLU B 221 -14.64 -26.84 -2.99
C GLU B 221 -14.47 -25.33 -3.27
N PHE B 222 -13.30 -24.77 -2.93
CA PHE B 222 -13.09 -23.34 -3.14
C PHE B 222 -11.80 -23.05 -3.89
N PRO B 223 -11.76 -22.01 -4.75
CA PRO B 223 -10.59 -21.73 -5.58
C PRO B 223 -9.68 -20.68 -5.02
N GLU B 224 -8.53 -20.54 -5.69
CA GLU B 224 -7.49 -19.60 -5.32
C GLU B 224 -7.90 -18.24 -5.88
N GLN B 225 -8.41 -18.30 -7.13
CA GLN B 225 -8.81 -17.12 -7.87
C GLN B 225 -10.32 -17.23 -8.02
N LEU B 226 -10.98 -16.13 -7.68
CA LEU B 226 -12.40 -16.14 -7.41
C LEU B 226 -13.03 -14.98 -8.15
N PRO B 227 -13.66 -15.24 -9.30
CA PRO B 227 -14.24 -14.17 -10.11
C PRO B 227 -15.63 -13.93 -9.56
N LEU B 228 -15.94 -12.69 -9.17
CA LEU B 228 -17.26 -12.43 -8.60
C LEU B 228 -18.12 -11.48 -9.41
N ASP B 229 -17.54 -10.80 -10.43
CA ASP B 229 -18.28 -9.94 -11.35
C ASP B 229 -19.75 -10.30 -11.55
N GLU B 230 -20.01 -11.56 -11.94
CA GLU B 230 -21.32 -11.98 -12.40
C GLU B 230 -22.35 -12.11 -11.27
N PHE B 231 -22.00 -11.81 -10.02
CA PHE B 231 -23.03 -11.68 -8.99
C PHE B 231 -23.24 -10.21 -8.60
N LEU B 232 -22.89 -9.27 -9.49
CA LEU B 232 -23.15 -7.86 -9.23
C LEU B 232 -24.32 -7.40 -10.10
N GLN B 233 -24.93 -6.29 -9.72
CA GLN B 233 -25.97 -5.67 -10.54
C GLN B 233 -25.35 -4.95 -11.73
N LYS B 234 -24.25 -4.23 -11.51
CA LYS B 234 -23.50 -3.62 -12.60
C LYS B 234 -22.07 -4.11 -12.43
N THR B 235 -21.31 -4.19 -13.52
CA THR B 235 -19.88 -4.50 -13.42
C THR B 235 -19.12 -3.22 -13.74
N ASP B 236 -17.81 -3.27 -13.55
CA ASP B 236 -16.93 -2.20 -13.98
C ASP B 236 -15.90 -2.82 -14.91
N PRO B 237 -15.85 -2.38 -16.18
CA PRO B 237 -14.78 -2.77 -17.07
C PRO B 237 -13.42 -2.45 -16.45
N LYS B 238 -13.36 -1.30 -15.79
CA LYS B 238 -12.14 -0.83 -15.18
C LYS B 238 -11.64 -1.83 -14.13
N ASP B 239 -12.39 -1.97 -13.04
CA ASP B 239 -12.03 -2.84 -11.93
C ASP B 239 -13.02 -4.00 -11.86
N PRO B 240 -12.62 -5.21 -12.29
CA PRO B 240 -13.51 -6.37 -12.16
C PRO B 240 -13.37 -6.93 -10.74
N ALA B 241 -14.24 -7.88 -10.38
CA ALA B 241 -14.27 -8.43 -9.04
C ALA B 241 -13.53 -9.76 -8.96
N ASN B 242 -12.21 -9.74 -9.10
CA ASN B 242 -11.40 -10.95 -9.00
C ASN B 242 -10.68 -11.04 -7.65
N TYR B 243 -10.98 -12.09 -6.88
CA TYR B 243 -10.49 -12.15 -5.51
C TYR B 243 -9.47 -13.27 -5.35
N ILE B 244 -8.44 -12.97 -4.54
CA ILE B 244 -7.25 -13.81 -4.35
C ILE B 244 -7.26 -14.35 -2.93
N LEU B 245 -7.21 -15.69 -2.81
CA LEU B 245 -7.34 -16.31 -1.52
C LEU B 245 -6.17 -15.87 -0.66
N HIS B 246 -6.49 -15.25 0.47
CA HIS B 246 -5.50 -14.79 1.41
C HIS B 246 -5.35 -15.74 2.61
N ALA B 247 -6.45 -16.27 3.17
CA ALA B 247 -6.33 -17.20 4.30
C ALA B 247 -7.49 -18.19 4.31
N VAL B 248 -7.24 -19.28 5.06
CA VAL B 248 -8.16 -20.39 5.22
C VAL B 248 -8.20 -20.82 6.67
N LEU B 249 -9.31 -20.55 7.34
CA LEU B 249 -9.44 -20.96 8.71
C LEU B 249 -10.02 -22.36 8.67
N VAL B 250 -9.55 -23.21 9.56
CA VAL B 250 -9.72 -24.64 9.44
C VAL B 250 -10.01 -25.18 10.82
N HIS B 251 -10.73 -26.31 10.82
CA HIS B 251 -11.09 -26.94 12.07
C HIS B 251 -11.24 -28.42 11.82
N SER B 252 -11.11 -29.19 12.93
CA SER B 252 -11.21 -30.63 12.88
C SER B 252 -11.66 -31.15 14.26
N GLY B 253 -12.03 -32.43 14.32
CA GLY B 253 -12.60 -33.03 15.52
C GLY B 253 -14.00 -32.49 15.85
N GLY B 257 -12.08 -33.11 21.30
CA GLY B 257 -11.16 -33.11 20.12
C GLY B 257 -11.37 -31.85 19.29
N GLY B 258 -10.64 -30.77 19.59
CA GLY B 258 -11.08 -29.45 19.15
C GLY B 258 -9.94 -28.57 18.62
N HIS B 259 -9.47 -28.86 17.40
CA HIS B 259 -8.27 -28.24 16.87
C HIS B 259 -8.59 -27.12 15.86
N TYR B 260 -7.92 -25.98 16.04
CA TYR B 260 -8.13 -24.83 15.16
C TYR B 260 -6.76 -24.45 14.57
N VAL B 261 -6.72 -24.34 13.23
CA VAL B 261 -5.54 -24.00 12.46
C VAL B 261 -5.88 -22.98 11.36
N VAL B 262 -4.94 -22.11 11.04
CA VAL B 262 -5.17 -21.23 9.92
C VAL B 262 -3.98 -21.29 8.97
N TYR B 263 -4.28 -21.52 7.69
CA TYR B 263 -3.33 -21.35 6.61
C TYR B 263 -3.44 -19.92 6.11
N LEU B 264 -2.30 -19.26 5.94
CA LEU B 264 -2.25 -17.91 5.39
C LEU B 264 -1.18 -17.89 4.31
N ASN B 265 -1.34 -16.99 3.33
CA ASN B 265 -0.25 -16.71 2.40
C ASN B 265 -0.01 -15.22 2.50
N PRO B 266 0.66 -14.80 3.58
CA PRO B 266 0.45 -13.48 4.13
C PRO B 266 0.65 -12.40 3.10
N LYS B 267 1.61 -12.61 2.17
CA LYS B 267 1.92 -11.59 1.17
C LYS B 267 1.14 -11.74 -0.14
N GLY B 268 0.17 -12.68 -0.16
CA GLY B 268 -0.73 -12.87 -1.29
C GLY B 268 0.02 -13.29 -2.56
N ASP B 269 1.22 -13.87 -2.37
CA ASP B 269 2.12 -14.20 -3.46
C ASP B 269 2.08 -15.71 -3.73
N GLY B 270 1.11 -16.45 -3.21
CA GLY B 270 1.07 -17.88 -3.44
C GLY B 270 1.97 -18.70 -2.51
N LYS B 271 2.71 -18.06 -1.59
CA LYS B 271 3.61 -18.79 -0.70
C LYS B 271 2.97 -19.06 0.66
N TRP B 272 2.51 -20.29 0.87
CA TRP B 272 1.68 -20.59 2.03
C TRP B 272 2.51 -20.95 3.25
N CYS B 273 2.03 -20.43 4.40
CA CYS B 273 2.45 -20.87 5.72
C CYS B 273 1.25 -21.37 6.52
N LYS B 274 1.56 -22.15 7.55
CA LYS B 274 0.57 -22.78 8.41
C LYS B 274 0.73 -22.19 9.80
N PHE B 275 -0.37 -21.78 10.44
CA PHE B 275 -0.31 -21.19 11.77
C PHE B 275 -1.09 -22.00 12.77
N ASP B 276 -0.40 -22.85 13.55
CA ASP B 276 -1.06 -23.70 14.54
C ASP B 276 -0.66 -23.29 15.93
N ASP B 277 -1.14 -22.14 16.37
CA ASP B 277 -0.79 -21.58 17.67
C ASP B 277 0.70 -21.24 17.69
N ASP B 278 1.45 -21.86 18.62
CA ASP B 278 2.86 -21.57 18.84
C ASP B 278 3.65 -22.00 17.62
N VAL B 279 3.08 -22.94 16.87
CA VAL B 279 3.80 -23.57 15.77
C VAL B 279 3.46 -22.98 14.41
N VAL B 280 4.48 -22.42 13.74
CA VAL B 280 4.33 -21.84 12.42
C VAL B 280 5.36 -22.42 11.44
N SER B 281 4.94 -23.32 10.55
CA SER B 281 5.78 -23.87 9.49
C SER B 281 5.25 -23.53 8.10
N ARG B 282 6.12 -23.64 7.09
CA ARG B 282 5.71 -23.44 5.72
C ARG B 282 4.90 -24.66 5.27
N CYS B 283 4.06 -24.48 4.26
CA CYS B 283 3.27 -25.59 3.76
C CYS B 283 3.08 -25.50 2.25
N THR B 284 2.49 -26.57 1.68
CA THR B 284 2.16 -26.61 0.26
C THR B 284 0.87 -25.84 0.05
N LYS B 285 0.74 -25.22 -1.11
CA LYS B 285 -0.52 -24.65 -1.59
C LYS B 285 -1.61 -25.68 -1.41
N GLU B 286 -1.26 -26.94 -1.67
CA GLU B 286 -2.20 -28.04 -1.63
C GLU B 286 -2.68 -28.22 -0.20
N GLU B 287 -1.79 -28.08 0.78
CA GLU B 287 -2.17 -28.28 2.16
C GLU B 287 -3.22 -27.23 2.54
N ALA B 288 -3.00 -25.98 2.12
CA ALA B 288 -3.93 -24.88 2.43
C ALA B 288 -5.34 -25.13 1.91
N ILE B 289 -5.42 -25.42 0.61
CA ILE B 289 -6.65 -25.38 -0.19
C ILE B 289 -7.26 -26.76 -0.29
N GLU B 290 -6.93 -27.50 -1.35
CA GLU B 290 -7.55 -28.77 -1.70
C GLU B 290 -7.72 -29.66 -0.45
N HIS B 291 -6.66 -29.81 0.38
CA HIS B 291 -6.70 -30.70 1.53
C HIS B 291 -7.70 -30.26 2.60
N ASN B 292 -8.31 -29.07 2.46
CA ASN B 292 -9.32 -28.58 3.39
C ASN B 292 -10.67 -28.40 2.68
N TYR B 293 -10.90 -29.22 1.66
CA TYR B 293 -12.12 -29.20 0.89
C TYR B 293 -13.19 -29.93 1.66
N GLY B 294 -12.75 -30.87 2.53
CA GLY B 294 -13.66 -31.69 3.29
C GLY B 294 -13.83 -33.02 2.56
N GLY B 295 -14.72 -33.88 3.09
CA GLY B 295 -15.06 -35.15 2.48
C GLY B 295 -14.82 -36.29 3.45
N THR B 306 -10.41 -32.62 8.80
CA THR B 306 -9.82 -31.27 8.98
C THR B 306 -10.09 -30.36 7.77
N ASN B 307 -11.07 -29.46 7.86
CA ASN B 307 -11.59 -28.75 6.70
C ASN B 307 -12.02 -27.30 7.03
N ALA B 308 -12.10 -26.49 5.98
CA ALA B 308 -12.25 -25.06 6.13
C ALA B 308 -13.69 -24.71 6.52
N TYR B 309 -13.83 -23.68 7.37
CA TYR B 309 -15.11 -23.12 7.78
C TYR B 309 -15.15 -21.61 7.52
N MET B 310 -14.01 -20.93 7.48
CA MET B 310 -13.97 -19.52 7.11
C MET B 310 -12.89 -19.27 6.03
N LEU B 311 -13.04 -18.24 5.20
CA LEU B 311 -12.10 -17.96 4.12
C LEU B 311 -11.94 -16.46 3.94
N VAL B 312 -10.74 -15.99 3.77
CA VAL B 312 -10.58 -14.59 3.46
C VAL B 312 -10.03 -14.49 2.06
N TYR B 313 -10.49 -13.47 1.35
CA TYR B 313 -10.10 -13.22 -0.02
C TYR B 313 -9.96 -11.73 -0.23
N ILE B 314 -8.89 -11.33 -0.88
CA ILE B 314 -8.61 -9.92 -1.08
C ILE B 314 -8.69 -9.64 -2.57
N ARG B 315 -9.19 -8.46 -2.92
CA ARG B 315 -9.38 -8.08 -4.31
C ARG B 315 -8.02 -7.86 -4.94
N GLU B 316 -7.90 -8.24 -6.22
CA GLU B 316 -6.66 -8.12 -6.99
C GLU B 316 -6.23 -6.66 -7.02
N SER B 317 -7.21 -5.79 -7.24
CA SER B 317 -6.90 -4.40 -7.51
C SER B 317 -6.41 -3.69 -6.25
N LYS B 318 -6.53 -4.36 -5.11
CA LYS B 318 -6.26 -3.74 -3.82
C LYS B 318 -5.39 -4.69 -3.01
N LEU B 319 -4.61 -5.52 -3.71
CA LEU B 319 -3.78 -6.51 -3.03
C LEU B 319 -2.63 -5.77 -2.36
N SER B 320 -1.98 -4.89 -3.14
CA SER B 320 -0.79 -4.18 -2.69
C SER B 320 -1.13 -3.19 -1.57
N GLU B 321 -2.35 -2.66 -1.65
CA GLU B 321 -2.86 -1.70 -0.69
C GLU B 321 -3.10 -2.38 0.65
N VAL B 322 -3.97 -3.39 0.64
CA VAL B 322 -4.39 -4.04 1.86
C VAL B 322 -3.17 -4.66 2.53
N LEU B 323 -2.25 -5.17 1.69
CA LEU B 323 -1.08 -5.86 2.19
C LEU B 323 0.16 -4.98 2.14
N GLN B 324 -0.01 -3.66 2.18
CA GLN B 324 1.14 -2.77 2.25
C GLN B 324 2.07 -3.26 3.35
N ALA B 325 3.38 -3.16 3.08
CA ALA B 325 4.39 -3.56 4.03
C ALA B 325 4.27 -2.73 5.30
N VAL B 326 4.66 -3.34 6.42
CA VAL B 326 4.57 -2.69 7.73
C VAL B 326 5.94 -2.71 8.38
N THR B 327 6.60 -1.55 8.31
CA THR B 327 7.89 -1.38 8.97
C THR B 327 7.62 -1.10 10.45
N ASP B 328 8.69 -1.18 11.25
CA ASP B 328 8.57 -0.95 12.68
C ASP B 328 8.50 0.56 12.87
N HIS B 329 8.48 1.28 11.73
CA HIS B 329 8.34 2.72 11.71
C HIS B 329 6.91 3.17 11.94
N ASP B 330 5.93 2.34 11.58
CA ASP B 330 4.53 2.78 11.56
C ASP B 330 3.94 2.81 12.99
N ILE B 331 4.76 2.50 14.00
CA ILE B 331 4.28 2.41 15.37
C ILE B 331 4.78 3.61 16.18
N PRO B 332 3.87 4.46 16.72
CA PRO B 332 4.30 5.63 17.49
C PRO B 332 5.05 5.25 18.77
N GLN B 333 6.10 6.01 19.09
CA GLN B 333 6.94 5.69 20.23
C GLN B 333 6.10 5.60 21.51
N GLN B 334 5.08 6.46 21.65
CA GLN B 334 4.27 6.46 22.86
C GLN B 334 3.79 5.04 23.15
N LEU B 335 3.24 4.40 22.12
CA LEU B 335 2.79 3.02 22.22
C LEU B 335 3.99 2.12 22.54
N VAL B 336 4.99 2.11 21.66
CA VAL B 336 6.20 1.32 21.87
C VAL B 336 6.57 1.36 23.35
N GLU B 337 6.69 2.57 23.90
CA GLU B 337 7.17 2.76 25.26
C GLU B 337 6.21 2.14 26.26
N ARG B 338 4.90 2.28 26.01
CA ARG B 338 3.86 1.74 26.87
C ARG B 338 3.91 0.22 26.91
N LEU B 339 4.30 -0.41 25.79
CA LEU B 339 4.32 -1.86 25.78
C LEU B 339 5.63 -2.34 26.39
N GLN B 340 6.73 -1.74 25.95
CA GLN B 340 8.05 -2.04 26.47
C GLN B 340 8.00 -2.02 27.99
N GLU B 341 7.56 -0.90 28.56
CA GLU B 341 7.46 -0.78 30.00
C GLU B 341 6.68 -1.96 30.55
N GLU B 342 5.53 -2.24 29.93
CA GLU B 342 4.63 -3.27 30.43
C GLU B 342 5.30 -4.65 30.45
N LYS B 343 6.09 -4.95 29.42
CA LYS B 343 6.83 -6.19 29.31
C LYS B 343 7.80 -6.32 30.50
N ARG B 344 8.55 -5.24 30.70
CA ARG B 344 9.45 -5.13 31.83
C ARG B 344 8.69 -5.48 33.11
N ILE B 345 7.51 -4.85 33.30
CA ILE B 345 6.80 -5.05 34.55
C ILE B 345 6.40 -6.52 34.68
N GLU B 346 6.54 -7.28 33.59
CA GLU B 346 6.10 -8.67 33.60
C GLU B 346 7.18 -9.50 34.28
N ALA B 347 7.26 -9.42 35.61
CA ALA B 347 8.25 -10.16 36.38
C ALA B 347 7.87 -10.10 37.86
#